data_5YQT
#
_entry.id   5YQT
#
_cell.length_a   104.254
_cell.length_b   60.677
_cell.length_c   118.759
_cell.angle_alpha   90.00
_cell.angle_beta   90.53
_cell.angle_gamma   90.00
#
_symmetry.space_group_name_H-M   'P 1 21 1'
#
loop_
_entity.id
_entity.type
_entity.pdbx_description
1 polymer 'Limonene-1,2-epoxide hydrolase'
2 non-polymer (1R,5S)-6-oxabicyclo[3.1.0]hexane
3 water water
#
_entity_poly.entity_id   1
_entity_poly.type   'polypeptide(L)'
_entity_poly.pdbx_seq_one_letter_code
;MHHHHHHTSLIEQPRWASKDSAAGAASTPDEKIVLEFMDALTSNDAAKLIEYFAEDTMYQNMPLPPAYGRDAVEQTLAGF
FTVVSVDAVETFHIGSSNGLVYTERVDVLRALPTGKSYNFSILGVFQLTEGKITGWRDYFDLREFEEAVDLPLRG
;
_entity_poly.pdbx_strand_id   C,D,A,B,E,F,G,H
#
loop_
_chem_comp.id
_chem_comp.type
_chem_comp.name
_chem_comp.formula
3ZS non-polymer (1R,5S)-6-oxabicyclo[3.1.0]hexane 'C5 H8 O'
#
# COMPACT_ATOMS: atom_id res chain seq x y z
N ILE A 11 -4.29 18.35 9.08
CA ILE A 11 -3.00 17.93 8.57
C ILE A 11 -3.12 16.53 7.97
N GLU A 12 -2.89 16.42 6.67
CA GLU A 12 -3.11 15.16 5.97
C GLU A 12 -1.93 14.23 6.14
N GLN A 13 -2.21 12.94 6.10
CA GLN A 13 -1.14 11.94 6.12
C GLN A 13 -0.54 11.85 4.72
N PRO A 14 0.79 11.96 4.60
CA PRO A 14 1.41 12.01 3.26
C PRO A 14 1.26 10.69 2.53
N ARG A 15 1.35 10.75 1.20
CA ARG A 15 1.26 9.51 0.43
C ARG A 15 2.40 8.55 0.79
N TRP A 16 3.56 9.06 1.20
CA TRP A 16 4.71 8.20 1.46
C TRP A 16 4.77 7.68 2.89
N ALA A 17 3.77 7.96 3.70
CA ALA A 17 3.78 7.53 5.10
C ALA A 17 3.69 6.01 5.17
N SER A 18 4.51 5.41 6.04
CA SER A 18 4.54 3.95 6.22
C SER A 18 4.07 3.59 7.62
N LYS A 19 2.95 2.87 7.71
CA LYS A 19 2.46 2.47 9.02
C LYS A 19 3.50 1.67 9.79
N ASP A 20 4.36 0.93 9.09
CA ASP A 20 5.46 0.20 9.73
C ASP A 20 6.30 1.08 10.63
N SER A 21 6.34 2.39 10.39
CA SER A 21 7.17 3.26 11.21
C SER A 21 6.34 4.38 11.82
N ALA A 22 5.02 4.29 11.77
CA ALA A 22 4.10 5.26 12.35
C ALA A 22 4.41 5.51 13.82
N ALA A 23 3.99 6.66 14.32
CA ALA A 23 4.26 7.02 15.71
C ALA A 23 3.56 6.08 16.70
N GLY A 24 2.40 5.54 16.34
CA GLY A 24 1.70 4.60 17.21
C GLY A 24 2.42 3.29 17.44
N ALA A 25 3.48 3.02 16.66
CA ALA A 25 4.21 1.76 16.73
C ALA A 25 5.55 1.88 17.46
N ALA A 26 5.80 2.99 18.15
CA ALA A 26 7.05 3.20 18.88
C ALA A 26 7.30 2.05 19.86
N SER A 27 8.51 1.48 19.80
CA SER A 27 8.77 0.23 20.49
C SER A 27 10.11 0.19 21.23
N THR A 28 10.66 1.33 21.59
CA THR A 28 11.79 1.39 22.51
C THR A 28 11.50 2.46 23.55
N PRO A 29 12.18 2.42 24.71
CA PRO A 29 12.07 3.53 25.67
C PRO A 29 12.49 4.88 25.08
N ASP A 30 13.60 4.94 24.35
CA ASP A 30 14.03 6.21 23.77
C ASP A 30 13.00 6.76 22.79
N GLU A 31 12.45 5.89 21.92
CA GLU A 31 11.42 6.37 20.99
C GLU A 31 10.19 6.89 21.73
N LYS A 32 9.83 6.24 22.83
CA LYS A 32 8.65 6.65 23.58
C LYS A 32 8.86 8.00 24.24
N ILE A 33 10.07 8.26 24.74
CA ILE A 33 10.37 9.56 25.34
C ILE A 33 10.33 10.65 24.28
N VAL A 34 10.93 10.39 23.12
CA VAL A 34 10.98 11.43 22.09
C VAL A 34 9.57 11.83 21.65
N LEU A 35 8.67 10.85 21.52
CA LEU A 35 7.27 11.19 21.21
C LEU A 35 6.64 12.02 22.33
N GLU A 36 6.90 11.65 23.58
CA GLU A 36 6.39 12.45 24.67
C GLU A 36 6.91 13.87 24.57
N PHE A 37 8.19 14.02 24.22
CA PHE A 37 8.75 15.36 24.06
C PHE A 37 8.10 16.08 22.89
N MET A 38 7.69 15.33 21.86
CA MET A 38 6.96 15.91 20.75
C MET A 38 5.61 16.47 21.20
N ASP A 39 4.85 15.65 21.95
CA ASP A 39 3.55 16.14 22.44
C ASP A 39 3.70 17.30 23.41
N ALA A 40 4.84 17.37 24.13
CA ALA A 40 5.03 18.46 25.06
C ALA A 40 5.38 19.78 24.38
N LEU A 41 5.77 19.76 23.09
CA LEU A 41 6.19 20.99 22.43
C LEU A 41 5.06 22.02 22.39
N THR A 42 3.83 21.57 22.17
CA THR A 42 2.70 22.50 22.14
C THR A 42 2.50 23.26 23.46
N SER A 43 3.15 22.84 24.53
CA SER A 43 3.10 23.62 25.76
C SER A 43 3.74 25.00 25.60
N ASN A 44 4.71 25.16 24.69
CA ASN A 44 5.45 26.42 24.53
C ASN A 44 6.08 26.87 25.86
N ASP A 45 6.47 25.91 26.68
CA ASP A 45 6.98 26.18 28.03
C ASP A 45 8.44 25.72 28.08
N ALA A 46 9.37 26.66 27.93
CA ALA A 46 10.77 26.24 27.95
C ALA A 46 11.13 25.53 29.26
N ALA A 47 10.46 25.86 30.38
CA ALA A 47 10.85 25.27 31.66
C ALA A 47 10.33 23.85 31.84
N LYS A 48 9.19 23.53 31.24
CA LYS A 48 8.75 22.14 31.22
C LYS A 48 9.53 21.34 30.20
N LEU A 49 9.94 21.97 29.11
CA LEU A 49 10.69 21.22 28.10
C LEU A 49 12.13 20.96 28.53
N ILE A 50 12.74 21.86 29.30
CA ILE A 50 14.15 21.68 29.59
C ILE A 50 14.35 20.48 30.50
N GLU A 51 13.32 20.09 31.25
CA GLU A 51 13.43 18.91 32.10
C GLU A 51 13.75 17.65 31.30
N TYR A 52 13.54 17.65 29.98
CA TYR A 52 13.88 16.52 29.13
C TYR A 52 15.36 16.43 28.78
N PHE A 53 16.14 17.46 29.04
CA PHE A 53 17.50 17.59 28.53
C PHE A 53 18.52 17.28 29.61
N ALA A 54 19.56 16.54 29.23
CA ALA A 54 20.73 16.43 30.07
C ALA A 54 21.50 17.73 30.07
N GLU A 55 22.39 17.84 31.05
CA GLU A 55 23.28 18.99 31.17
C GLU A 55 24.22 19.12 29.97
N ASP A 56 24.95 18.07 29.59
CA ASP A 56 25.71 18.20 28.35
C ASP A 56 24.77 17.80 27.21
N THR A 57 24.37 18.79 26.44
CA THR A 57 23.36 18.59 25.44
C THR A 57 23.55 19.62 24.36
N MET A 58 22.78 19.47 23.27
CA MET A 58 22.81 20.48 22.24
C MET A 58 21.50 20.46 21.46
N TYR A 59 21.15 21.62 20.92
CA TYR A 59 19.94 21.82 20.16
C TYR A 59 20.28 22.75 19.02
N GLN A 60 19.88 22.35 17.82
CA GLN A 60 20.21 23.11 16.63
C GLN A 60 19.08 22.94 15.63
N ASN A 61 18.60 24.06 15.11
CA ASN A 61 17.90 24.06 13.82
C ASN A 61 18.95 24.27 12.74
N MET A 62 19.30 23.19 12.03
CA MET A 62 20.37 23.26 11.02
C MET A 62 20.10 24.33 9.96
N PRO A 63 21.11 25.16 9.58
CA PRO A 63 22.51 25.22 10.02
C PRO A 63 22.75 26.39 10.96
N LEU A 64 21.70 26.90 11.59
CA LEU A 64 21.85 28.01 12.51
C LEU A 64 22.83 27.67 13.62
N PRO A 65 23.40 28.68 14.27
CA PRO A 65 24.37 28.44 15.37
C PRO A 65 23.76 27.56 16.45
N PRO A 66 24.42 26.46 16.79
CA PRO A 66 23.85 25.52 17.76
C PRO A 66 23.94 26.04 19.18
N ALA A 67 23.10 25.47 20.03
CA ALA A 67 23.16 25.73 21.47
C ALA A 67 23.74 24.50 22.14
N TYR A 68 24.87 24.69 22.85
CA TYR A 68 25.50 23.64 23.64
C TYR A 68 25.35 23.96 25.12
N GLY A 69 25.07 22.94 25.92
CA GLY A 69 24.75 23.16 27.33
C GLY A 69 23.30 23.49 27.62
N ARG A 70 22.79 22.94 28.73
CA ARG A 70 21.37 22.99 29.07
C ARG A 70 20.88 24.42 29.31
N ASP A 71 21.74 25.30 29.81
CA ASP A 71 21.35 26.70 29.97
C ASP A 71 21.09 27.35 28.63
N ALA A 72 21.99 27.13 27.66
CA ALA A 72 21.81 27.77 26.37
C ALA A 72 20.61 27.23 25.64
N VAL A 73 20.31 25.93 25.83
CA VAL A 73 19.15 25.34 25.20
C VAL A 73 17.89 25.94 25.79
N GLU A 74 17.86 26.05 27.12
CA GLU A 74 16.73 26.69 27.78
C GLU A 74 16.53 28.12 27.27
N GLN A 75 17.61 28.90 27.22
CA GLN A 75 17.41 30.27 26.80
C GLN A 75 16.99 30.33 25.33
N THR A 76 17.43 29.39 24.50
CA THR A 76 17.02 29.41 23.10
C THR A 76 15.53 29.12 22.96
N LEU A 77 15.03 28.10 23.68
CA LEU A 77 13.61 27.78 23.62
C LEU A 77 12.77 28.92 24.20
N ALA A 78 13.11 29.37 25.40
CA ALA A 78 12.41 30.49 26.03
C ALA A 78 12.29 31.66 25.07
N GLY A 79 13.37 32.01 24.38
CA GLY A 79 13.31 33.08 23.41
C GLY A 79 12.37 32.75 22.25
N PHE A 80 12.50 31.52 21.71
CA PHE A 80 11.64 31.12 20.61
CA PHE A 80 11.64 31.08 20.63
C PHE A 80 10.16 31.26 20.99
N PHE A 81 9.78 30.74 22.15
CA PHE A 81 8.40 30.77 22.62
C PHE A 81 7.92 32.17 22.98
N THR A 82 8.80 33.14 22.94
CA THR A 82 8.41 34.52 23.16
C THR A 82 7.75 35.13 21.93
N VAL A 83 8.10 34.66 20.74
CA VAL A 83 7.61 35.24 19.48
C VAL A 83 6.83 34.25 18.63
N VAL A 84 6.77 32.98 19.02
CA VAL A 84 6.22 31.92 18.18
C VAL A 84 5.56 30.91 19.11
N SER A 85 4.41 30.41 18.68
CA SER A 85 3.76 29.28 19.33
C SER A 85 3.86 28.05 18.44
N VAL A 86 4.09 26.89 19.08
CA VAL A 86 3.97 25.60 18.44
C VAL A 86 2.53 25.13 18.65
N ASP A 87 1.71 25.22 17.59
CA ASP A 87 0.29 24.85 17.65
C ASP A 87 0.05 23.36 17.46
N ALA A 88 0.82 22.68 16.62
CA ALA A 88 0.60 21.25 16.41
C ALA A 88 1.91 20.59 16.00
N VAL A 89 2.02 19.33 16.34
CA VAL A 89 3.11 18.46 15.91
C VAL A 89 2.47 17.15 15.45
N GLU A 90 2.62 16.82 14.18
CA GLU A 90 2.20 15.52 13.66
C GLU A 90 3.45 14.75 13.27
N THR A 91 3.70 13.64 13.95
CA THR A 91 4.83 12.79 13.63
C THR A 91 4.34 11.64 12.79
N PHE A 92 4.81 11.59 11.54
CA PHE A 92 4.47 10.51 10.62
C PHE A 92 5.29 9.24 10.88
N HIS A 93 6.60 9.41 11.10
CA HIS A 93 7.50 8.29 11.31
C HIS A 93 8.31 8.56 12.57
N ILE A 94 8.50 7.53 13.37
CA ILE A 94 9.51 7.51 14.40
C ILE A 94 10.30 6.23 14.25
N GLY A 95 11.61 6.32 14.45
CA GLY A 95 12.50 5.18 14.28
C GLY A 95 13.75 5.43 15.08
N SER A 96 14.59 4.42 15.16
CA SER A 96 15.85 4.60 15.87
C SER A 96 16.87 3.61 15.36
N SER A 97 18.13 3.94 15.57
CA SER A 97 19.23 3.17 15.02
C SER A 97 20.54 3.66 15.61
N ASN A 98 21.33 2.74 16.16
CA ASN A 98 22.67 3.04 16.64
C ASN A 98 22.65 4.17 17.67
N GLY A 99 21.66 4.15 18.56
CA GLY A 99 21.50 5.13 19.62
C GLY A 99 20.92 6.47 19.21
N LEU A 100 20.50 6.65 17.95
CA LEU A 100 19.82 7.85 17.50
C LEU A 100 18.33 7.56 17.27
N VAL A 101 17.47 8.52 17.59
CA VAL A 101 16.04 8.46 17.29
C VAL A 101 15.73 9.48 16.21
N TYR A 102 14.85 9.12 15.26
CA TYR A 102 14.53 9.98 14.14
C TYR A 102 13.03 10.22 14.07
N THR A 103 12.64 11.47 13.81
CA THR A 103 11.23 11.86 13.67
C THR A 103 11.03 12.58 12.32
N GLU A 104 10.19 12.02 11.47
CA GLU A 104 9.73 12.68 10.25
C GLU A 104 8.33 13.19 10.50
N ARG A 105 8.15 14.50 10.44
CA ARG A 105 6.99 15.10 11.07
C ARG A 105 6.74 16.45 10.44
N VAL A 106 5.63 17.05 10.85
CA VAL A 106 5.28 18.40 10.45
C VAL A 106 4.95 19.18 11.72
N ASP A 107 5.50 20.37 11.85
CA ASP A 107 5.21 21.27 12.97
C ASP A 107 4.45 22.45 12.41
N VAL A 108 3.35 22.80 13.07
CA VAL A 108 2.61 24.01 12.74
C VAL A 108 3.10 25.11 13.69
N LEU A 109 3.70 26.13 13.14
CA LEU A 109 4.19 27.23 13.92
C LEU A 109 3.39 28.50 13.62
N ARG A 110 3.06 29.25 14.65
CA ARG A 110 2.33 30.50 14.49
C ARG A 110 3.13 31.62 15.09
N ALA A 111 3.32 32.67 14.33
CA ALA A 111 4.05 33.84 14.81
C ALA A 111 3.13 34.65 15.70
N LEU A 112 3.63 35.01 16.89
CA LEU A 112 2.83 35.81 17.81
C LEU A 112 2.57 37.25 17.34
N PRO A 113 3.55 38.00 16.87
CA PRO A 113 3.23 39.39 16.52
C PRO A 113 2.30 39.51 15.32
N THR A 114 2.28 38.51 14.41
CA THR A 114 1.48 38.58 13.20
C THR A 114 0.26 37.67 13.19
N GLY A 115 0.24 36.61 14.00
CA GLY A 115 -0.78 35.59 13.82
C GLY A 115 -0.71 34.78 12.54
N LYS A 116 0.39 34.82 11.79
CA LYS A 116 0.53 33.97 10.61
C LYS A 116 1.00 32.57 11.02
N SER A 117 0.38 31.54 10.43
CA SER A 117 0.78 30.17 10.70
C SER A 117 1.63 29.63 9.54
N TYR A 118 2.34 28.53 9.81
CA TYR A 118 3.33 27.99 8.88
C TYR A 118 3.44 26.49 9.08
N ASN A 119 3.51 25.74 7.99
CA ASN A 119 3.68 24.29 8.03
C ASN A 119 5.14 23.96 7.67
N PHE A 120 5.89 23.43 8.63
CA PHE A 120 7.30 23.06 8.42
C PHE A 120 7.45 21.55 8.37
N SER A 121 7.94 21.04 7.25
CA SER A 121 8.24 19.62 7.10
C SER A 121 9.63 19.36 7.66
N ILE A 122 9.74 18.47 8.65
CA ILE A 122 10.94 18.41 9.50
C ILE A 122 11.38 16.96 9.68
N LEU A 123 12.66 16.71 9.46
CA LEU A 123 13.25 15.44 9.86
C LEU A 123 14.25 15.75 10.96
N GLY A 124 14.02 15.18 12.14
CA GLY A 124 14.84 15.46 13.30
C GLY A 124 15.54 14.22 13.82
N VAL A 125 16.70 14.44 14.41
CA VAL A 125 17.45 13.37 15.05
C VAL A 125 17.68 13.75 16.51
N PHE A 126 17.57 12.77 17.38
CA PHE A 126 17.68 12.91 18.83
C PHE A 126 18.68 11.88 19.32
N GLN A 127 19.58 12.31 20.20
CA GLN A 127 20.45 11.39 20.92
C GLN A 127 20.12 11.49 22.39
N LEU A 128 19.87 10.35 23.03
CA LEU A 128 19.45 10.32 24.42
C LEU A 128 20.36 9.41 25.22
N THR A 129 20.83 9.93 26.34
CA THR A 129 21.69 9.22 27.30
C THR A 129 20.93 9.12 28.61
N GLU A 130 20.73 7.88 29.08
CA GLU A 130 19.99 7.62 30.31
C GLU A 130 18.62 8.29 30.30
N GLY A 131 17.94 8.20 29.16
CA GLY A 131 16.63 8.78 29.00
C GLY A 131 16.58 10.27 28.87
N LYS A 132 17.72 10.96 28.73
CA LYS A 132 17.71 12.42 28.65
C LYS A 132 18.38 12.88 27.36
N ILE A 133 17.88 13.99 26.81
CA ILE A 133 18.36 14.45 25.51
C ILE A 133 19.77 15.02 25.64
N THR A 134 20.72 14.39 24.95
CA THR A 134 22.07 14.94 24.80
C THR A 134 22.27 15.61 23.46
N GLY A 135 21.30 15.53 22.55
CA GLY A 135 21.46 16.13 21.24
C GLY A 135 20.17 16.15 20.45
N TRP A 136 19.88 17.26 19.79
CA TRP A 136 18.61 17.44 19.09
C TRP A 136 18.85 18.37 17.91
N ARG A 137 18.73 17.82 16.70
CA ARG A 137 18.96 18.60 15.49
C ARG A 137 17.77 18.38 14.57
N ASP A 138 17.07 19.47 14.25
CA ASP A 138 15.98 19.47 13.28
C ASP A 138 16.49 19.99 11.95
N TYR A 139 16.23 19.24 10.90
CA TYR A 139 16.56 19.59 9.52
C TYR A 139 15.26 19.96 8.80
N PHE A 140 15.19 21.21 8.33
CA PHE A 140 14.03 21.67 7.58
C PHE A 140 14.40 22.93 6.82
N ASP A 141 13.49 23.35 5.96
CA ASP A 141 13.69 24.54 5.14
C ASP A 141 13.47 25.76 6.00
N LEU A 142 14.46 26.63 6.06
CA LEU A 142 14.36 27.84 6.88
C LEU A 142 13.98 29.09 6.07
N ARG A 143 13.58 28.96 4.79
CA ARG A 143 13.23 30.18 4.04
C ARG A 143 12.09 30.96 4.71
N GLU A 144 11.09 30.28 5.25
CA GLU A 144 9.99 30.96 5.92
C GLU A 144 10.22 31.06 7.41
N PHE A 145 11.24 30.37 7.91
CA PHE A 145 11.54 30.40 9.32
C PHE A 145 12.04 31.77 9.75
N GLU A 146 12.80 32.44 8.87
CA GLU A 146 13.18 33.83 9.10
C GLU A 146 11.96 34.69 9.40
N GLU A 147 10.98 34.66 8.50
CA GLU A 147 9.76 35.44 8.71
C GLU A 147 8.94 34.90 9.87
N ALA A 148 9.03 33.60 10.14
CA ALA A 148 8.20 32.99 11.17
C ALA A 148 8.63 33.46 12.57
N VAL A 149 9.94 33.45 12.86
CA VAL A 149 10.46 33.87 14.16
C VAL A 149 10.96 35.31 14.07
N ASP A 150 10.47 36.14 14.98
CA ASP A 150 10.75 37.57 15.02
C ASP A 150 12.01 37.80 15.79
N LEU A 151 13.02 37.11 15.30
CA LEU A 151 14.35 37.25 15.89
C LEU A 151 15.41 37.09 14.82
N PRO A 152 16.56 37.77 14.89
CA PRO A 152 17.72 37.35 14.07
C PRO A 152 18.01 35.86 14.11
N LEU A 153 18.28 35.30 12.94
CA LEU A 153 18.61 33.88 12.86
C LEU A 153 20.13 33.62 12.94
N ARG A 154 20.94 34.65 12.70
CA ARG A 154 22.39 34.53 12.76
C ARG A 154 22.93 33.44 11.84
N ILE B 11 35.77 19.60 4.92
CA ILE B 11 34.69 19.32 5.86
C ILE B 11 35.18 18.55 7.08
N GLU B 12 35.03 19.18 8.23
CA GLU B 12 35.40 18.62 9.51
C GLU B 12 34.24 17.84 10.11
N GLN B 13 34.56 16.77 10.82
CA GLN B 13 33.57 16.00 11.55
C GLN B 13 32.97 16.87 12.65
N PRO B 14 31.66 17.11 12.66
CA PRO B 14 31.06 17.91 13.73
C PRO B 14 31.33 17.29 15.08
N ARG B 15 31.14 18.09 16.12
CA ARG B 15 31.36 17.60 17.47
C ARG B 15 30.28 16.60 17.89
N TRP B 16 29.10 16.65 17.28
CA TRP B 16 28.04 15.73 17.66
C TRP B 16 28.12 14.40 16.93
N ALA B 17 28.98 14.25 15.95
CA ALA B 17 29.16 12.97 15.27
C ALA B 17 29.40 11.86 16.29
N SER B 18 28.76 10.72 16.05
CA SER B 18 28.86 9.53 16.88
C SER B 18 29.40 8.41 16.01
N LYS B 19 30.53 7.83 16.39
CA LYS B 19 31.10 6.78 15.53
C LYS B 19 30.27 5.50 15.61
N ASP B 20 29.39 5.36 16.60
CA ASP B 20 28.45 4.25 16.63
C ASP B 20 27.52 4.23 15.41
N SER B 21 27.29 5.37 14.76
CA SER B 21 26.40 5.42 13.61
C SER B 21 27.14 5.82 12.36
N ALA B 22 28.47 5.69 12.38
CA ALA B 22 29.32 6.18 11.29
C ALA B 22 29.07 5.42 9.99
N ALA B 23 29.38 6.10 8.88
CA ALA B 23 29.26 5.48 7.56
C ALA B 23 30.04 4.17 7.47
N GLY B 24 31.26 4.14 7.99
CA GLY B 24 32.02 2.91 7.98
C GLY B 24 31.36 1.76 8.71
N ALA B 25 30.38 2.02 9.57
CA ALA B 25 29.77 0.99 10.39
C ALA B 25 28.47 0.43 9.83
N ALA B 26 28.09 0.85 8.62
CA ALA B 26 26.88 0.36 7.95
C ALA B 26 26.80 -1.16 8.00
N SER B 27 25.65 -1.67 8.47
CA SER B 27 25.61 -3.10 8.77
C SER B 27 24.32 -3.77 8.28
N THR B 28 23.67 -3.22 7.26
CA THR B 28 22.55 -3.87 6.58
C THR B 28 22.71 -3.69 5.08
N PRO B 29 22.13 -4.58 4.28
CA PRO B 29 22.20 -4.37 2.82
C PRO B 29 21.57 -3.06 2.39
N ASP B 30 20.47 -2.62 3.02
CA ASP B 30 19.86 -1.35 2.63
C ASP B 30 20.78 -0.19 2.95
N GLU B 31 21.35 -0.20 4.16
CA GLU B 31 22.31 0.82 4.54
C GLU B 31 23.49 0.87 3.58
N LYS B 32 24.00 -0.29 3.16
CA LYS B 32 25.18 -0.28 2.29
C LYS B 32 24.85 0.19 0.88
N ILE B 33 23.65 -0.11 0.38
CA ILE B 33 23.25 0.37 -0.94
C ILE B 33 23.11 1.88 -0.94
N VAL B 34 22.48 2.43 0.11
CA VAL B 34 22.35 3.88 0.21
C VAL B 34 23.72 4.56 0.26
N LEU B 35 24.66 4.00 1.01
CA LEU B 35 25.99 4.62 1.04
C LEU B 35 26.64 4.60 -0.35
N GLU B 36 26.50 3.48 -1.05
CA GLU B 36 26.96 3.41 -2.44
C GLU B 36 26.29 4.48 -3.30
N PHE B 37 25.00 4.72 -3.06
CA PHE B 37 24.26 5.72 -3.82
C PHE B 37 24.71 7.13 -3.48
N MET B 38 25.00 7.38 -2.19
CA MET B 38 25.64 8.63 -1.80
C MET B 38 26.92 8.84 -2.57
N ASP B 39 27.75 7.82 -2.68
CA ASP B 39 29.02 7.98 -3.40
C ASP B 39 28.79 8.27 -4.89
N ALA B 40 27.81 7.61 -5.49
CA ALA B 40 27.58 7.83 -6.91
C ALA B 40 27.09 9.25 -7.20
N LEU B 41 26.62 9.99 -6.18
CA LEU B 41 26.05 11.31 -6.46
C LEU B 41 27.08 12.26 -7.11
N THR B 42 28.36 12.15 -6.74
CA THR B 42 29.41 12.95 -7.38
C THR B 42 29.62 12.62 -8.84
N SER B 43 28.99 11.57 -9.36
CA SER B 43 29.07 11.36 -10.79
C SER B 43 28.34 12.45 -11.56
N ASN B 44 27.35 13.11 -10.95
CA ASN B 44 26.44 14.03 -11.67
C ASN B 44 25.91 13.40 -12.96
N ASP B 45 25.63 12.11 -12.93
CA ASP B 45 25.11 11.36 -14.09
C ASP B 45 23.70 10.85 -13.77
N ALA B 46 22.70 11.53 -14.30
CA ALA B 46 21.33 11.11 -14.06
C ALA B 46 21.09 9.67 -14.50
N ALA B 47 21.69 9.26 -15.63
CA ALA B 47 21.45 7.90 -16.15
C ALA B 47 22.05 6.84 -15.24
N LYS B 48 23.15 7.15 -14.56
CA LYS B 48 23.77 6.21 -13.64
C LYS B 48 22.98 6.14 -12.34
N LEU B 49 22.57 7.29 -11.82
CA LEU B 49 21.79 7.35 -10.59
C LEU B 49 20.41 6.71 -10.75
N ILE B 50 19.77 6.89 -11.90
CA ILE B 50 18.41 6.39 -12.04
C ILE B 50 18.34 4.87 -11.85
N GLU B 51 19.40 4.13 -12.18
CA GLU B 51 19.35 2.68 -12.05
C GLU B 51 19.25 2.19 -10.61
N TYR B 52 19.45 3.07 -9.61
CA TYR B 52 19.18 2.74 -8.21
C TYR B 52 17.69 2.77 -7.85
N PHE B 53 16.79 3.16 -8.77
CA PHE B 53 15.42 3.50 -8.40
C PHE B 53 14.44 2.48 -8.96
N ALA B 54 13.49 2.07 -8.13
CA ALA B 54 12.38 1.29 -8.63
C ALA B 54 11.50 2.14 -9.54
N GLU B 55 10.70 1.45 -10.36
CA GLU B 55 9.73 2.14 -11.20
C GLU B 55 8.78 2.99 -10.35
N ASP B 56 8.23 2.38 -9.31
CA ASP B 56 7.35 3.08 -8.39
C ASP B 56 8.23 3.71 -7.30
N THR B 57 8.57 4.98 -7.47
CA THR B 57 9.52 5.64 -6.60
C THR B 57 9.12 7.09 -6.45
N MET B 58 9.81 7.79 -5.54
CA MET B 58 9.64 9.22 -5.42
C MET B 58 10.91 9.84 -4.86
N TYR B 59 11.11 11.10 -5.23
CA TYR B 59 12.26 11.87 -4.80
C TYR B 59 11.76 13.30 -4.55
N GLN B 60 12.21 13.89 -3.45
CA GLN B 60 11.74 15.20 -3.02
C GLN B 60 12.78 15.83 -2.13
N ASN B 61 13.16 17.09 -2.42
CA ASN B 61 13.80 17.93 -1.41
C ASN B 61 12.69 18.78 -0.80
N MET B 62 12.45 18.58 0.50
CA MET B 62 11.27 19.17 1.15
C MET B 62 11.37 20.68 1.32
N PRO B 63 10.27 21.42 1.12
CA PRO B 63 8.94 20.91 0.76
C PRO B 63 8.58 21.11 -0.73
N LEU B 64 9.58 21.28 -1.59
CA LEU B 64 9.39 21.40 -3.04
C LEU B 64 8.50 20.30 -3.64
N PRO B 65 7.84 20.57 -4.76
CA PRO B 65 6.97 19.56 -5.42
C PRO B 65 7.69 18.24 -5.63
N PRO B 66 7.07 17.14 -5.25
CA PRO B 66 7.74 15.84 -5.36
C PRO B 66 7.72 15.30 -6.79
N ALA B 67 8.74 14.52 -7.09
CA ALA B 67 8.77 13.72 -8.31
C ALA B 67 8.28 12.34 -7.95
N TYR B 68 7.31 11.82 -8.71
CA TYR B 68 6.81 10.46 -8.54
C TYR B 68 6.99 9.68 -9.83
N GLY B 69 7.47 8.46 -9.70
CA GLY B 69 7.81 7.65 -10.87
C GLY B 69 9.23 7.88 -11.34
N ARG B 70 9.80 6.82 -11.92
CA ARG B 70 11.18 6.84 -12.41
C ARG B 70 11.44 7.96 -13.42
N ASP B 71 10.53 8.16 -14.37
CA ASP B 71 10.78 9.17 -15.40
C ASP B 71 10.92 10.56 -14.80
N ALA B 72 10.00 10.94 -13.91
CA ALA B 72 10.09 12.25 -13.29
C ALA B 72 11.34 12.39 -12.43
N VAL B 73 11.79 11.30 -11.82
CA VAL B 73 12.94 11.43 -10.93
C VAL B 73 14.18 11.68 -11.76
N GLU B 74 14.29 10.98 -12.89
CA GLU B 74 15.41 11.13 -13.79
C GLU B 74 15.39 12.50 -14.46
N GLN B 75 14.23 12.97 -14.88
CA GLN B 75 14.17 14.32 -15.44
C GLN B 75 14.62 15.34 -14.42
N THR B 76 14.24 15.13 -13.16
CA THR B 76 14.61 16.10 -12.14
C THR B 76 16.11 16.10 -11.93
N LEU B 77 16.71 14.92 -11.77
CA LEU B 77 18.13 14.81 -11.52
C LEU B 77 18.94 15.38 -12.68
N ALA B 78 18.60 14.95 -13.91
CA ALA B 78 19.27 15.48 -15.10
C ALA B 78 19.19 17.00 -15.16
N GLY B 79 18.03 17.56 -14.86
CA GLY B 79 17.93 19.02 -14.87
C GLY B 79 18.80 19.66 -13.80
N PHE B 80 18.86 19.04 -12.63
CA PHE B 80 19.72 19.56 -11.58
CA PHE B 80 19.73 19.51 -11.55
C PHE B 80 21.18 19.51 -12.03
N PHE B 81 21.61 18.39 -12.61
CA PHE B 81 22.98 18.28 -13.08
C PHE B 81 23.29 19.23 -14.24
N THR B 82 22.28 19.82 -14.87
CA THR B 82 22.56 20.81 -15.90
C THR B 82 23.17 22.07 -15.31
N VAL B 83 22.88 22.40 -14.04
CA VAL B 83 23.21 23.70 -13.48
C VAL B 83 24.04 23.61 -12.20
N VAL B 84 24.26 22.42 -11.64
CA VAL B 84 24.99 22.30 -10.39
C VAL B 84 25.80 21.02 -10.43
N SER B 85 26.95 21.06 -9.78
CA SER B 85 27.79 19.89 -9.59
C SER B 85 27.76 19.55 -8.10
N VAL B 86 27.45 18.29 -7.80
CA VAL B 86 27.65 17.70 -6.48
C VAL B 86 29.15 17.42 -6.34
N ASP B 87 29.85 18.27 -5.59
CA ASP B 87 31.30 18.19 -5.52
C ASP B 87 31.77 17.20 -4.47
N ALA B 88 31.01 17.03 -3.40
CA ALA B 88 31.40 16.11 -2.34
C ALA B 88 30.15 15.73 -1.55
N VAL B 89 30.12 14.50 -1.08
CA VAL B 89 29.11 14.04 -0.16
C VAL B 89 29.83 13.42 1.02
N GLU B 90 29.69 14.03 2.19
CA GLU B 90 30.29 13.54 3.43
C GLU B 90 29.16 13.04 4.35
N THR B 91 29.13 11.73 4.60
CA THR B 91 28.06 11.12 5.41
C THR B 91 28.56 10.84 6.83
N PHE B 92 28.05 11.62 7.80
CA PHE B 92 28.45 11.48 9.21
C PHE B 92 27.75 10.31 9.89
N HIS B 93 26.45 10.13 9.64
CA HIS B 93 25.66 9.09 10.26
C HIS B 93 24.83 8.40 9.20
N ILE B 94 24.76 7.07 9.30
CA ILE B 94 23.80 6.28 8.57
C ILE B 94 23.22 5.23 9.53
N GLY B 95 21.92 5.00 9.42
CA GLY B 95 21.25 4.06 10.28
C GLY B 95 19.96 3.68 9.59
N SER B 96 19.18 2.85 10.26
CA SER B 96 18.00 2.32 9.62
C SER B 96 17.05 1.76 10.66
N SER B 97 15.77 1.73 10.30
CA SER B 97 14.69 1.44 11.23
C SER B 97 13.36 1.30 10.47
N ASN B 98 12.66 0.20 10.67
CA ASN B 98 11.28 0.02 10.20
C ASN B 98 11.16 0.21 8.69
N GLY B 99 12.17 -0.26 7.96
CA GLY B 99 12.16 -0.19 6.52
C GLY B 99 12.75 1.07 5.93
N LEU B 100 13.19 2.02 6.76
CA LEU B 100 13.72 3.31 6.34
C LEU B 100 15.21 3.42 6.68
N VAL B 101 15.96 4.11 5.82
CA VAL B 101 17.37 4.38 6.04
C VAL B 101 17.54 5.89 6.18
N TYR B 102 18.39 6.32 7.14
CA TYR B 102 18.62 7.72 7.45
C TYR B 102 20.10 8.05 7.26
N THR B 103 20.38 9.10 6.50
CA THR B 103 21.72 9.65 6.31
C THR B 103 21.75 11.05 6.90
N GLU B 104 22.66 11.27 7.86
CA GLU B 104 22.98 12.63 8.31
C GLU B 104 24.32 13.02 7.68
N ARG B 105 24.33 14.10 6.90
CA ARG B 105 25.43 14.30 5.97
C ARG B 105 25.53 15.76 5.55
N VAL B 106 26.63 16.08 4.87
CA VAL B 106 26.80 17.37 4.20
C VAL B 106 27.04 17.09 2.72
N ASP B 107 26.42 17.89 1.86
CA ASP B 107 26.60 17.80 0.43
C ASP B 107 27.26 19.10 0.00
N VAL B 108 28.36 19.01 -0.76
CA VAL B 108 28.99 20.20 -1.31
C VAL B 108 28.46 20.39 -2.72
N LEU B 109 27.76 21.48 -2.96
CA LEU B 109 27.21 21.72 -4.29
C LEU B 109 27.87 22.96 -4.87
N ARG B 110 28.19 22.91 -6.15
CA ARG B 110 28.81 24.03 -6.85
C ARG B 110 27.92 24.38 -8.02
N ALA B 111 27.54 25.63 -8.12
CA ALA B 111 26.73 26.07 -9.25
C ALA B 111 27.62 26.32 -10.44
N LEU B 112 27.26 25.71 -11.56
CA LEU B 112 28.01 25.72 -12.78
C LEU B 112 28.12 27.10 -13.42
N PRO B 113 27.04 27.90 -13.51
CA PRO B 113 27.19 29.23 -14.09
C PRO B 113 28.04 30.18 -13.26
N THR B 114 28.16 29.95 -11.94
CA THR B 114 28.74 30.94 -11.06
C THR B 114 30.09 30.55 -10.48
N GLY B 115 30.34 29.26 -10.28
CA GLY B 115 31.52 28.82 -9.55
C GLY B 115 31.39 28.89 -8.05
N LYS B 116 30.25 29.35 -7.53
CA LYS B 116 30.11 29.45 -6.10
C LYS B 116 29.78 28.09 -5.53
N SER B 117 30.29 27.84 -4.34
CA SER B 117 30.13 26.58 -3.66
C SER B 117 29.25 26.78 -2.42
N TYR B 118 28.60 25.71 -1.99
CA TYR B 118 27.62 25.75 -0.94
C TYR B 118 27.72 24.46 -0.14
N ASN B 119 27.78 24.56 1.18
CA ASN B 119 27.69 23.39 2.05
C ASN B 119 26.27 23.28 2.58
N PHE B 120 25.59 22.17 2.29
CA PHE B 120 24.24 21.93 2.79
C PHE B 120 24.24 20.84 3.84
N SER B 121 23.76 21.17 5.03
CA SER B 121 23.57 20.14 6.05
C SER B 121 22.22 19.48 5.80
N ILE B 122 22.25 18.16 5.60
CA ILE B 122 21.12 17.40 5.08
C ILE B 122 20.89 16.19 5.97
N LEU B 123 19.65 15.96 6.36
CA LEU B 123 19.21 14.68 6.90
C LEU B 123 18.23 14.11 5.90
N GLY B 124 18.53 12.91 5.39
CA GLY B 124 17.74 12.29 4.34
C GLY B 124 17.19 10.95 4.78
N VAL B 125 15.99 10.62 4.29
CA VAL B 125 15.36 9.34 4.58
C VAL B 125 15.16 8.62 3.26
N PHE B 126 15.42 7.31 3.26
CA PHE B 126 15.32 6.45 2.09
C PHE B 126 14.49 5.22 2.41
N GLN B 127 13.56 4.89 1.53
CA GLN B 127 12.79 3.65 1.64
C GLN B 127 13.16 2.77 0.45
N LEU B 128 13.71 1.61 0.72
CA LEU B 128 14.12 0.69 -0.33
C LEU B 128 13.22 -0.54 -0.34
N THR B 129 12.92 -1.03 -1.56
CA THR B 129 12.14 -2.25 -1.75
C THR B 129 12.92 -3.16 -2.68
N GLU B 130 13.24 -4.36 -2.19
CA GLU B 130 14.09 -5.30 -2.92
C GLU B 130 15.34 -4.58 -3.43
N GLY B 131 15.90 -3.73 -2.57
CA GLY B 131 17.13 -3.05 -2.89
C GLY B 131 17.02 -1.86 -3.83
N LYS B 132 15.83 -1.50 -4.28
CA LYS B 132 15.68 -0.34 -5.14
C LYS B 132 14.96 0.77 -4.37
N ILE B 133 15.31 2.01 -4.71
CA ILE B 133 14.77 3.16 -3.99
C ILE B 133 13.32 3.36 -4.35
N THR B 134 12.44 3.28 -3.36
CA THR B 134 11.02 3.55 -3.53
C THR B 134 10.62 4.92 -3.01
N GLY B 135 11.46 5.53 -2.19
CA GLY B 135 11.29 6.91 -1.81
C GLY B 135 12.58 7.53 -1.29
N TRP B 136 12.80 8.79 -1.62
CA TRP B 136 14.00 9.52 -1.20
C TRP B 136 13.59 10.95 -0.87
N ARG B 137 13.79 11.35 0.39
CA ARG B 137 13.40 12.68 0.88
C ARG B 137 14.55 13.28 1.68
N ASP B 138 15.07 14.42 1.22
CA ASP B 138 16.13 15.15 1.92
C ASP B 138 15.54 16.38 2.59
N TYR B 139 15.91 16.57 3.85
CA TYR B 139 15.50 17.72 4.64
C TYR B 139 16.73 18.59 4.92
N PHE B 140 16.65 19.87 4.56
CA PHE B 140 17.73 20.81 4.75
C PHE B 140 17.19 22.20 4.47
N ASP B 141 17.98 23.21 4.75
CA ASP B 141 17.59 24.60 4.53
C ASP B 141 17.71 24.94 3.05
N LEU B 142 16.66 25.55 2.51
CA LEU B 142 16.63 25.91 1.09
C LEU B 142 16.95 27.38 0.85
N ARG B 143 17.26 28.15 1.89
CA ARG B 143 17.51 29.58 1.69
C ARG B 143 18.55 29.83 0.61
N GLU B 144 19.62 29.04 0.61
CA GLU B 144 20.67 29.20 -0.37
C GLU B 144 20.55 28.21 -1.52
N PHE B 145 19.60 27.28 -1.43
CA PHE B 145 19.35 26.34 -2.52
C PHE B 145 18.75 27.04 -3.73
N GLU B 146 17.89 28.04 -3.51
CA GLU B 146 17.40 28.84 -4.64
C GLU B 146 18.54 29.51 -5.39
N GLU B 147 19.49 30.10 -4.67
CA GLU B 147 20.60 30.77 -5.35
C GLU B 147 21.56 29.76 -5.96
N ALA B 148 21.87 28.67 -5.23
CA ALA B 148 22.73 27.61 -5.73
C ALA B 148 22.22 27.02 -7.03
N VAL B 149 20.91 26.85 -7.16
CA VAL B 149 20.32 26.10 -8.25
C VAL B 149 19.68 27.11 -9.21
N ASP B 150 20.29 27.27 -10.38
CA ASP B 150 19.80 28.20 -11.40
C ASP B 150 18.60 27.61 -12.13
N LEU B 151 17.54 27.38 -11.37
CA LEU B 151 16.26 26.91 -11.89
C LEU B 151 15.22 27.42 -10.89
N PRO B 152 14.01 27.74 -11.32
CA PRO B 152 12.91 27.88 -10.37
C PRO B 152 12.64 26.53 -9.72
N LEU B 153 12.55 26.51 -8.39
CA LEU B 153 12.32 25.23 -7.72
C LEU B 153 10.85 24.96 -7.45
N ARG B 154 9.96 25.87 -7.85
CA ARG B 154 8.51 25.70 -7.77
C ARG B 154 8.03 25.62 -6.32
N GLY B 155 8.73 26.29 -5.42
CA GLY B 155 8.39 26.25 -4.01
C GLY B 155 8.96 27.47 -3.33
N ILE C 11 15.08 28.81 -21.70
CA ILE C 11 14.50 28.29 -22.94
C ILE C 11 15.19 28.95 -24.13
N GLU C 12 15.84 28.14 -24.96
CA GLU C 12 16.66 28.67 -26.04
C GLU C 12 15.80 29.32 -27.12
N GLN C 13 16.25 30.44 -27.63
CA GLN C 13 15.57 31.08 -28.75
C GLN C 13 15.72 30.20 -29.97
N PRO C 14 14.63 29.76 -30.61
CA PRO C 14 14.75 28.88 -31.77
C PRO C 14 15.53 29.54 -32.90
N ARG C 15 16.04 28.71 -33.80
CA ARG C 15 16.83 29.21 -34.92
C ARG C 15 15.98 30.03 -35.88
N TRP C 16 14.74 29.61 -36.13
CA TRP C 16 13.86 30.39 -37.02
C TRP C 16 13.31 31.67 -36.38
N ALA C 17 13.67 32.00 -35.15
CA ALA C 17 13.13 33.20 -34.52
C ALA C 17 13.48 34.44 -35.36
N SER C 18 12.62 35.44 -35.28
CA SER C 18 12.71 36.64 -36.09
C SER C 18 12.41 37.81 -35.17
N LYS C 19 13.40 38.67 -34.94
CA LYS C 19 13.17 39.78 -34.04
C LYS C 19 12.13 40.74 -34.61
N ASP C 20 11.91 40.74 -35.93
CA ASP C 20 10.84 41.56 -36.51
C ASP C 20 9.48 41.25 -35.93
N SER C 21 9.29 40.04 -35.39
CA SER C 21 8.00 39.72 -34.79
C SER C 21 8.12 39.35 -33.32
N ALA C 22 9.23 39.74 -32.67
CA ALA C 22 9.48 39.31 -31.29
C ALA C 22 8.46 39.92 -30.34
N ALA C 23 8.30 39.23 -29.20
CA ALA C 23 7.36 39.66 -28.17
C ALA C 23 7.55 41.13 -27.82
N GLY C 24 8.78 41.52 -27.47
CA GLY C 24 9.09 42.89 -27.07
C GLY C 24 8.75 43.94 -28.12
N ALA C 25 8.42 43.51 -29.33
CA ALA C 25 8.07 44.41 -30.44
C ALA C 25 6.57 44.53 -30.63
N ALA C 26 5.77 43.96 -29.75
CA ALA C 26 4.31 44.10 -29.82
C ALA C 26 3.94 45.57 -30.00
N SER C 27 3.08 45.85 -31.00
CA SER C 27 2.83 47.22 -31.41
C SER C 27 1.37 47.54 -31.72
N THR C 28 0.42 46.80 -31.17
CA THR C 28 -1.00 47.14 -31.15
C THR C 28 -1.51 46.87 -29.75
N PRO C 29 -2.66 47.46 -29.37
CA PRO C 29 -3.22 47.14 -28.04
C PRO C 29 -3.59 45.66 -27.90
N ASP C 30 -4.15 45.06 -28.94
CA ASP C 30 -4.51 43.64 -28.89
C ASP C 30 -3.29 42.77 -28.66
N GLU C 31 -2.21 43.05 -29.39
CA GLU C 31 -0.97 42.32 -29.19
C GLU C 31 -0.49 42.47 -27.75
N LYS C 32 -0.52 43.71 -27.25
CA LYS C 32 -0.10 43.96 -25.88
C LYS C 32 -0.98 43.22 -24.88
N ILE C 33 -2.29 43.11 -25.16
CA ILE C 33 -3.17 42.47 -24.19
C ILE C 33 -2.92 40.97 -24.13
N VAL C 34 -2.78 40.34 -25.29
CA VAL C 34 -2.50 38.90 -25.33
C VAL C 34 -1.19 38.61 -24.61
N LEU C 35 -0.18 39.45 -24.79
CA LEU C 35 1.10 39.21 -24.11
C LEU C 35 0.94 39.29 -22.60
N GLU C 36 0.17 40.26 -22.10
CA GLU C 36 -0.23 40.30 -20.69
C GLU C 36 -0.91 39.00 -20.29
N PHE C 37 -1.81 38.50 -21.13
CA PHE C 37 -2.50 37.27 -20.78
C PHE C 37 -1.53 36.09 -20.75
N MET C 38 -0.58 36.04 -21.69
CA MET C 38 0.45 35.01 -21.63
C MET C 38 1.17 35.04 -20.30
N ASP C 39 1.54 36.23 -19.84
CA ASP C 39 2.28 36.32 -18.58
C ASP C 39 1.41 35.95 -17.37
N ALA C 40 0.11 36.24 -17.43
CA ALA C 40 -0.77 35.85 -16.34
C ALA C 40 -0.97 34.34 -16.25
N LEU C 41 -0.70 33.61 -17.33
CA LEU C 41 -0.97 32.17 -17.35
C LEU C 41 -0.25 31.46 -16.21
N THR C 42 1.02 31.77 -15.99
CA THR C 42 1.76 31.17 -14.89
C THR C 42 1.15 31.47 -13.50
N SER C 43 0.00 32.13 -13.41
CA SER C 43 -0.63 32.28 -12.10
C SER C 43 -1.40 31.02 -11.72
N ASN C 44 -1.83 30.23 -12.70
CA ASN C 44 -2.60 29.01 -12.45
C ASN C 44 -3.93 29.31 -11.77
N ASP C 45 -4.45 30.51 -11.98
CA ASP C 45 -5.64 30.99 -11.25
C ASP C 45 -6.75 31.33 -12.22
N ALA C 46 -7.71 30.41 -12.34
CA ALA C 46 -8.78 30.57 -13.33
C ALA C 46 -9.58 31.85 -13.10
N ALA C 47 -9.80 32.23 -11.83
CA ALA C 47 -10.52 33.48 -11.55
C ALA C 47 -9.75 34.70 -12.06
N LYS C 48 -8.42 34.68 -11.93
CA LYS C 48 -7.63 35.77 -12.47
C LYS C 48 -7.65 35.77 -14.00
N LEU C 49 -7.59 34.58 -14.59
CA LEU C 49 -7.53 34.49 -16.05
C LEU C 49 -8.87 34.81 -16.70
N ILE C 50 -9.98 34.40 -16.08
CA ILE C 50 -11.29 34.57 -16.70
C ILE C 50 -11.64 36.04 -16.92
N GLU C 51 -11.04 36.96 -16.15
CA GLU C 51 -11.31 38.39 -16.32
C GLU C 51 -10.89 38.89 -17.69
N TYR C 52 -9.94 38.21 -18.36
CA TYR C 52 -9.57 38.59 -19.71
C TYR C 52 -10.63 38.26 -20.74
N PHE C 53 -11.59 37.40 -20.41
CA PHE C 53 -12.51 36.86 -21.40
C PHE C 53 -13.82 37.66 -21.44
N ALA C 54 -14.37 37.81 -22.63
CA ALA C 54 -15.73 38.29 -22.81
C ALA C 54 -16.72 37.16 -22.55
N GLU C 55 -18.01 37.52 -22.42
CA GLU C 55 -19.04 36.52 -22.22
C GLU C 55 -19.19 35.62 -23.44
N ASP C 56 -19.32 36.22 -24.62
CA ASP C 56 -19.40 35.50 -25.89
C ASP C 56 -17.98 35.17 -26.36
N THR C 57 -17.47 34.05 -25.87
CA THR C 57 -16.07 33.67 -26.07
C THR C 57 -16.01 32.17 -26.25
N MET C 58 -14.80 31.67 -26.55
CA MET C 58 -14.54 30.24 -26.66
C MET C 58 -13.04 29.98 -26.48
N TYR C 59 -12.72 28.75 -26.07
CA TYR C 59 -11.35 28.34 -25.78
C TYR C 59 -11.27 26.88 -26.17
N GLN C 60 -10.22 26.53 -26.94
CA GLN C 60 -10.09 25.18 -27.46
C GLN C 60 -8.63 24.80 -27.63
N ASN C 61 -8.24 23.65 -27.09
CA ASN C 61 -6.98 23.00 -27.45
C ASN C 61 -7.28 22.04 -28.60
N MET C 62 -6.80 22.35 -29.80
CA MET C 62 -7.27 21.63 -30.96
C MET C 62 -6.75 20.19 -30.89
N PRO C 63 -7.61 19.20 -31.20
CA PRO C 63 -8.99 19.34 -31.60
C PRO C 63 -9.93 18.85 -30.50
N LEU C 64 -9.54 19.03 -29.24
CA LEU C 64 -10.39 18.61 -28.14
C LEU C 64 -11.70 19.41 -28.17
N PRO C 65 -12.76 18.88 -27.53
CA PRO C 65 -14.04 19.60 -27.46
C PRO C 65 -13.85 21.02 -26.97
N PRO C 66 -14.39 21.99 -27.67
CA PRO C 66 -14.20 23.39 -27.27
C PRO C 66 -15.11 23.77 -26.11
N ALA C 67 -14.71 24.83 -25.42
CA ALA C 67 -15.52 25.46 -24.40
C ALA C 67 -16.07 26.75 -24.99
N TYR C 68 -17.39 26.89 -24.96
CA TYR C 68 -18.08 28.09 -25.44
C TYR C 68 -18.79 28.74 -24.26
N GLY C 69 -18.59 30.05 -24.10
CA GLY C 69 -19.10 30.77 -22.95
C GLY C 69 -18.13 30.87 -21.79
N ARG C 70 -18.15 32.01 -21.11
CA ARG C 70 -17.17 32.31 -20.06
C ARG C 70 -17.27 31.34 -18.89
N ASP C 71 -18.43 30.77 -18.62
CA ASP C 71 -18.52 29.75 -17.57
C ASP C 71 -17.77 28.48 -17.95
N ALA C 72 -18.06 27.96 -19.16
CA ALA C 72 -17.37 26.75 -19.58
C ALA C 72 -15.87 26.96 -19.62
N VAL C 73 -15.44 28.14 -20.06
CA VAL C 73 -14.01 28.43 -20.15
C VAL C 73 -13.39 28.43 -18.76
N GLU C 74 -13.99 29.17 -17.83
CA GLU C 74 -13.47 29.20 -16.47
C GLU C 74 -13.41 27.80 -15.89
N GLN C 75 -14.49 27.02 -16.06
CA GLN C 75 -14.49 25.68 -15.52
C GLN C 75 -13.40 24.85 -16.14
N THR C 76 -13.10 25.07 -17.43
CA THR C 76 -12.09 24.23 -18.05
C THR C 76 -10.70 24.59 -17.53
N LEU C 77 -10.40 25.88 -17.39
CA LEU C 77 -9.11 26.30 -16.87
C LEU C 77 -8.91 25.85 -15.42
N ALA C 78 -9.96 25.99 -14.61
CA ALA C 78 -9.89 25.59 -13.19
C ALA C 78 -9.56 24.12 -13.05
N GLY C 79 -10.24 23.27 -13.83
CA GLY C 79 -9.91 21.85 -13.83
C GLY C 79 -8.47 21.60 -14.25
N PHE C 80 -8.02 22.30 -15.29
CA PHE C 80 -6.65 22.10 -15.76
CA PHE C 80 -6.64 22.14 -15.77
C PHE C 80 -5.64 22.41 -14.65
N PHE C 81 -5.80 23.55 -13.98
CA PHE C 81 -4.93 23.97 -12.89
C PHE C 81 -5.01 23.08 -11.65
N THR C 82 -6.01 22.20 -11.57
CA THR C 82 -6.03 21.18 -10.52
C THR C 82 -4.95 20.12 -10.69
N VAL C 83 -4.48 19.87 -11.91
CA VAL C 83 -3.60 18.73 -12.18
C VAL C 83 -2.29 19.12 -12.86
N VAL C 84 -2.14 20.37 -13.27
CA VAL C 84 -1.02 20.83 -14.09
C VAL C 84 -0.70 22.25 -13.68
N SER C 85 0.58 22.59 -13.69
CA SER C 85 1.02 23.97 -13.53
C SER C 85 1.68 24.46 -14.81
N VAL C 86 1.40 25.71 -15.18
CA VAL C 86 2.13 26.38 -16.25
C VAL C 86 3.31 27.11 -15.60
N ASP C 87 4.51 26.56 -15.78
CA ASP C 87 5.68 27.09 -15.10
C ASP C 87 6.33 28.24 -15.84
N ALA C 88 6.13 28.33 -17.16
CA ALA C 88 6.71 29.40 -17.96
C ALA C 88 6.02 29.46 -19.32
N VAL C 89 6.00 30.66 -19.87
CA VAL C 89 5.49 30.91 -21.21
C VAL C 89 6.50 31.80 -21.90
N GLU C 90 7.25 31.25 -22.85
CA GLU C 90 8.14 32.02 -23.71
C GLU C 90 7.43 32.24 -25.04
N THR C 91 7.16 33.49 -25.38
CA THR C 91 6.59 33.83 -26.67
C THR C 91 7.72 34.29 -27.58
N PHE C 92 7.90 33.60 -28.70
CA PHE C 92 8.93 33.90 -29.68
C PHE C 92 8.47 34.94 -30.69
N HIS C 93 7.29 34.73 -31.26
CA HIS C 93 6.67 35.64 -32.20
C HIS C 93 5.31 36.03 -31.66
N ILE C 94 4.97 37.30 -31.80
CA ILE C 94 3.59 37.77 -31.68
C ILE C 94 3.33 38.64 -32.90
N GLY C 95 2.11 38.56 -33.43
CA GLY C 95 1.72 39.28 -34.62
C GLY C 95 0.22 39.25 -34.75
N SER C 96 -0.29 40.11 -35.63
CA SER C 96 -1.72 40.29 -35.72
C SER C 96 -2.09 40.71 -37.13
N SER C 97 -3.35 40.44 -37.48
CA SER C 97 -3.81 40.49 -38.85
C SER C 97 -5.31 40.26 -38.86
N ASN C 98 -6.06 41.14 -39.51
CA ASN C 98 -7.49 40.97 -39.73
C ASN C 98 -8.23 40.63 -38.42
N GLY C 99 -7.86 41.30 -37.34
CA GLY C 99 -8.53 41.09 -36.08
C GLY C 99 -8.07 39.90 -35.27
N LEU C 100 -7.23 39.03 -35.82
CA LEU C 100 -6.69 37.90 -35.07
C LEU C 100 -5.27 38.20 -34.62
N VAL C 101 -4.93 37.74 -33.41
CA VAL C 101 -3.58 37.79 -32.86
C VAL C 101 -3.01 36.38 -32.87
N TYR C 102 -1.72 36.25 -33.15
CA TYR C 102 -1.06 34.94 -33.24
C TYR C 102 0.17 34.90 -32.33
N THR C 103 0.36 33.80 -31.61
CA THR C 103 1.52 33.63 -30.74
C THR C 103 2.25 32.33 -31.06
N GLU C 104 3.48 32.45 -31.51
CA GLU C 104 4.35 31.30 -31.67
C GLU C 104 5.23 31.26 -30.41
N ARG C 105 5.06 30.22 -29.60
CA ARG C 105 5.56 30.23 -28.24
C ARG C 105 5.84 28.79 -27.80
N VAL C 106 6.42 28.67 -26.62
CA VAL C 106 6.59 27.38 -25.95
C VAL C 106 6.03 27.50 -24.55
N ASP C 107 5.20 26.55 -24.14
CA ASP C 107 4.71 26.50 -22.78
C ASP C 107 5.37 25.33 -22.05
N VAL C 108 5.79 25.58 -20.83
CA VAL C 108 6.32 24.54 -19.96
C VAL C 108 5.24 24.16 -18.98
N LEU C 109 4.81 22.91 -19.01
CA LEU C 109 3.76 22.43 -18.14
C LEU C 109 4.31 21.37 -17.21
N ARG C 110 3.86 21.39 -15.96
CA ARG C 110 4.32 20.48 -14.91
C ARG C 110 3.12 19.77 -14.34
N ALA C 111 3.14 18.44 -14.33
CA ALA C 111 2.08 17.68 -13.72
C ALA C 111 2.24 17.72 -12.21
N LEU C 112 1.15 18.10 -11.52
CA LEU C 112 1.18 18.14 -10.06
C LEU C 112 1.35 16.76 -9.43
N PRO C 113 0.63 15.71 -9.85
CA PRO C 113 0.82 14.42 -9.16
C PRO C 113 2.23 13.88 -9.26
N THR C 114 2.93 14.13 -10.37
CA THR C 114 4.20 13.49 -10.66
C THR C 114 5.40 14.43 -10.61
N GLY C 115 5.19 15.75 -10.73
CA GLY C 115 6.31 16.65 -10.87
C GLY C 115 7.11 16.50 -12.15
N LYS C 116 6.58 15.82 -13.15
CA LYS C 116 7.24 15.78 -14.44
C LYS C 116 6.90 17.02 -15.25
N SER C 117 7.92 17.55 -15.93
CA SER C 117 7.74 18.78 -16.71
C SER C 117 7.66 18.46 -18.22
N TYR C 118 6.93 19.30 -18.97
CA TYR C 118 6.77 19.08 -20.42
C TYR C 118 6.90 20.40 -21.16
N ASN C 119 7.57 20.36 -22.31
CA ASN C 119 7.68 21.51 -23.21
C ASN C 119 6.70 21.32 -24.37
N PHE C 120 5.75 22.24 -24.50
CA PHE C 120 4.81 22.22 -25.62
C PHE C 120 5.11 23.37 -26.59
N SER C 121 5.38 23.01 -27.85
CA SER C 121 5.52 23.96 -28.95
C SER C 121 4.13 24.30 -29.49
N ILE C 122 3.74 25.58 -29.42
CA ILE C 122 2.35 26.02 -29.57
C ILE C 122 2.27 27.22 -30.50
N LEU C 123 1.35 27.18 -31.45
CA LEU C 123 0.95 28.34 -32.22
C LEU C 123 -0.52 28.57 -31.88
N GLY C 124 -0.81 29.72 -31.29
CA GLY C 124 -2.14 30.04 -30.81
C GLY C 124 -2.69 31.25 -31.52
N VAL C 125 -3.99 31.25 -31.73
CA VAL C 125 -4.69 32.38 -32.33
C VAL C 125 -5.71 32.91 -31.33
N PHE C 126 -5.78 34.24 -31.24
CA PHE C 126 -6.69 34.95 -30.34
C PHE C 126 -7.57 35.90 -31.14
N GLN C 127 -8.87 35.89 -30.83
CA GLN C 127 -9.78 36.93 -31.30
C GLN C 127 -10.22 37.75 -30.10
N LEU C 128 -9.99 39.06 -30.15
CA LEU C 128 -10.43 39.97 -29.08
C LEU C 128 -11.44 40.95 -29.63
N THR C 129 -12.48 41.19 -28.83
CA THR C 129 -13.51 42.21 -29.08
C THR C 129 -13.43 43.19 -27.92
N GLU C 130 -13.22 44.47 -28.22
CA GLU C 130 -13.10 45.51 -27.20
C GLU C 130 -12.13 45.09 -26.10
N GLY C 131 -10.96 44.60 -26.51
CA GLY C 131 -9.93 44.20 -25.57
C GLY C 131 -10.24 42.97 -24.75
N LYS C 132 -11.42 42.38 -24.94
CA LYS C 132 -11.78 41.16 -24.24
C LYS C 132 -11.68 39.99 -25.21
N ILE C 133 -11.19 38.86 -24.74
CA ILE C 133 -10.96 37.77 -25.66
CA ILE C 133 -10.95 37.72 -25.61
C ILE C 133 -12.28 37.05 -25.92
N THR C 134 -12.52 36.78 -27.21
CA THR C 134 -13.73 36.14 -27.69
C THR C 134 -13.44 34.85 -28.42
N GLY C 135 -12.17 34.48 -28.56
CA GLY C 135 -11.78 33.22 -29.12
C GLY C 135 -10.32 32.93 -28.87
N TRP C 136 -10.02 31.69 -28.48
CA TRP C 136 -8.65 31.33 -28.13
C TRP C 136 -8.51 29.85 -28.45
N ARG C 137 -7.68 29.55 -29.43
CA ARG C 137 -7.43 28.19 -29.88
C ARG C 137 -5.93 28.00 -30.00
N ASP C 138 -5.39 27.04 -29.25
CA ASP C 138 -3.98 26.67 -29.32
C ASP C 138 -3.85 25.44 -30.22
N TYR C 139 -2.81 25.43 -31.05
CA TYR C 139 -2.51 24.30 -31.91
C TYR C 139 -1.15 23.77 -31.51
N PHE C 140 -1.07 22.46 -31.24
CA PHE C 140 0.15 21.84 -30.77
C PHE C 140 -0.08 20.34 -30.72
N ASP C 141 0.99 19.61 -30.46
CA ASP C 141 0.91 18.14 -30.38
C ASP C 141 0.43 17.73 -28.99
N LEU C 142 -0.62 16.91 -28.96
CA LEU C 142 -1.22 16.42 -27.72
C LEU C 142 -0.74 15.04 -27.32
N ARG C 143 0.24 14.46 -28.01
CA ARG C 143 0.72 13.14 -27.63
C ARG C 143 1.10 13.10 -26.14
N GLU C 144 1.90 14.06 -25.69
CA GLU C 144 2.33 14.09 -24.29
C GLU C 144 1.36 14.84 -23.41
N PHE C 145 0.55 15.72 -24.00
CA PHE C 145 -0.44 16.47 -23.25
C PHE C 145 -1.37 15.53 -22.51
N GLU C 146 -1.69 14.41 -23.15
CA GLU C 146 -2.48 13.37 -22.54
C GLU C 146 -1.80 12.82 -21.28
N GLU C 147 -0.52 12.50 -21.37
CA GLU C 147 0.21 12.10 -20.15
C GLU C 147 0.37 13.29 -19.19
N ALA C 148 0.57 14.50 -19.72
CA ALA C 148 0.85 15.66 -18.87
C ALA C 148 -0.35 16.08 -18.03
N VAL C 149 -1.55 15.93 -18.59
CA VAL C 149 -2.78 16.33 -17.93
C VAL C 149 -3.50 15.07 -17.46
N ASP C 150 -3.67 14.96 -16.15
CA ASP C 150 -4.34 13.81 -15.55
C ASP C 150 -5.84 14.00 -15.47
N LEU C 151 -6.46 14.50 -16.53
CA LEU C 151 -7.89 14.54 -16.70
C LEU C 151 -8.25 13.68 -17.90
N PRO C 152 -9.48 13.19 -17.96
CA PRO C 152 -9.90 12.43 -19.16
C PRO C 152 -9.83 13.30 -20.39
N LEU C 153 -9.46 12.68 -21.51
CA LEU C 153 -9.45 13.34 -22.80
C LEU C 153 -10.77 13.02 -23.51
N ARG C 154 -11.50 14.07 -23.89
CA ARG C 154 -12.82 13.88 -24.48
C ARG C 154 -12.86 14.21 -25.98
N ILE D 11 -16.53 19.05 -44.87
CA ILE D 11 -15.90 20.02 -43.98
C ILE D 11 -16.70 21.31 -43.90
N GLU D 12 -17.23 21.59 -42.72
CA GLU D 12 -18.05 22.77 -42.51
C GLU D 12 -17.19 23.94 -42.02
N GLN D 13 -17.58 25.13 -42.41
CA GLN D 13 -16.97 26.32 -41.86
C GLN D 13 -17.22 26.34 -40.35
N PRO D 14 -16.19 26.47 -39.52
CA PRO D 14 -16.41 26.41 -38.07
C PRO D 14 -17.14 27.64 -37.55
N ARG D 15 -17.78 27.48 -36.38
CA ARG D 15 -18.49 28.60 -35.77
C ARG D 15 -17.57 29.80 -35.55
N TRP D 16 -16.29 29.55 -35.24
CA TRP D 16 -15.37 30.64 -34.96
C TRP D 16 -14.75 31.22 -36.23
N ALA D 17 -15.15 30.75 -37.41
CA ALA D 17 -14.62 31.30 -38.66
C ALA D 17 -15.02 32.76 -38.82
N SER D 18 -14.03 33.61 -39.07
CA SER D 18 -14.22 35.05 -39.28
C SER D 18 -14.01 35.37 -40.76
N LYS D 19 -15.00 36.00 -41.38
CA LYS D 19 -14.82 36.26 -42.81
C LYS D 19 -14.05 37.53 -43.08
N ASP D 20 -13.72 38.31 -42.05
CA ASP D 20 -12.72 39.35 -42.22
C ASP D 20 -11.32 38.81 -42.48
N SER D 21 -11.11 37.50 -42.34
CA SER D 21 -9.79 36.92 -42.54
C SER D 21 -9.85 35.66 -43.40
N ALA D 22 -10.97 35.41 -44.07
CA ALA D 22 -11.11 34.24 -44.91
C ALA D 22 -10.10 34.28 -46.05
N ALA D 23 -9.87 33.10 -46.62
CA ALA D 23 -8.92 32.96 -47.72
C ALA D 23 -9.27 33.88 -48.89
N GLY D 24 -10.57 34.04 -49.18
CA GLY D 24 -10.99 34.88 -50.29
C GLY D 24 -10.60 36.34 -50.15
N ALA D 25 -10.15 36.77 -48.97
CA ALA D 25 -9.77 38.16 -48.75
C ALA D 25 -8.25 38.34 -48.61
N ALA D 26 -7.46 37.37 -49.07
CA ALA D 26 -6.01 37.57 -49.12
C ALA D 26 -5.70 38.87 -49.84
N SER D 27 -4.69 39.59 -49.35
CA SER D 27 -4.52 40.97 -49.79
C SER D 27 -3.07 41.42 -49.79
N THR D 28 -2.11 40.52 -49.67
CA THR D 28 -0.71 40.79 -49.95
C THR D 28 -0.20 39.75 -50.94
N PRO D 29 0.89 40.02 -51.65
CA PRO D 29 1.45 38.98 -52.54
C PRO D 29 1.83 37.72 -51.80
N ASP D 30 2.39 37.86 -50.60
CA ASP D 30 2.79 36.69 -49.81
C ASP D 30 1.60 35.82 -49.45
N GLU D 31 0.50 36.43 -49.00
CA GLU D 31 -0.64 35.62 -48.62
C GLU D 31 -1.24 34.90 -49.83
N LYS D 32 -1.23 35.54 -51.00
CA LYS D 32 -1.72 34.87 -52.20
C LYS D 32 -0.82 33.70 -52.62
N ILE D 33 0.51 33.87 -52.52
CA ILE D 33 1.41 32.78 -52.90
C ILE D 33 1.19 31.58 -51.99
N VAL D 34 1.01 31.85 -50.69
CA VAL D 34 0.72 30.79 -49.73
C VAL D 34 -0.58 30.08 -50.08
N LEU D 35 -1.65 30.82 -50.37
CA LEU D 35 -2.90 30.16 -50.79
C LEU D 35 -2.69 29.31 -52.04
N GLU D 36 -1.91 29.82 -53.00
CA GLU D 36 -1.54 29.01 -54.15
C GLU D 36 -0.77 27.76 -53.72
N PHE D 37 0.07 27.87 -52.67
CA PHE D 37 0.81 26.72 -52.17
C PHE D 37 -0.09 25.73 -51.43
N MET D 38 -1.03 26.24 -50.64
CA MET D 38 -2.09 25.40 -50.07
C MET D 38 -2.78 24.60 -51.16
N ASP D 39 -3.19 25.27 -52.24
CA ASP D 39 -3.91 24.55 -53.30
C ASP D 39 -3.01 23.55 -54.02
N ALA D 40 -1.73 23.85 -54.17
CA ALA D 40 -0.86 22.89 -54.87
C ALA D 40 -0.55 21.68 -54.00
N LEU D 41 -0.79 21.75 -52.70
CA LEU D 41 -0.43 20.67 -51.81
C LEU D 41 -1.15 19.37 -52.18
N THR D 42 -2.36 19.45 -52.74
CA THR D 42 -3.05 18.23 -53.05
C THR D 42 -2.51 17.55 -54.31
N SER D 43 -1.43 18.05 -54.91
CA SER D 43 -0.82 17.37 -56.04
C SER D 43 0.01 16.16 -55.62
N ASN D 44 0.37 16.07 -54.34
CA ASN D 44 1.21 14.98 -53.82
C ASN D 44 2.53 14.85 -54.58
N ASP D 45 3.06 15.97 -55.05
CA ASP D 45 4.16 15.99 -56.01
C ASP D 45 5.30 16.84 -55.43
N ALA D 46 6.25 16.19 -54.76
CA ALA D 46 7.36 16.92 -54.15
C ALA D 46 8.12 17.78 -55.15
N ALA D 47 8.27 17.31 -56.41
CA ALA D 47 9.00 18.08 -57.43
C ALA D 47 8.28 19.38 -57.80
N LYS D 48 6.95 19.36 -57.84
CA LYS D 48 6.18 20.59 -58.02
C LYS D 48 6.25 21.49 -56.79
N LEU D 49 6.05 20.89 -55.61
CA LEU D 49 6.03 21.68 -54.38
C LEU D 49 7.37 22.38 -54.12
N ILE D 50 8.49 21.71 -54.43
CA ILE D 50 9.78 22.24 -54.01
C ILE D 50 10.12 23.56 -54.68
N GLU D 51 9.53 23.87 -55.84
CA GLU D 51 9.81 25.11 -56.55
C GLU D 51 9.30 26.35 -55.81
N TYR D 52 8.45 26.18 -54.79
CA TYR D 52 8.02 27.26 -53.91
C TYR D 52 9.05 27.64 -52.84
N PHE D 53 10.13 26.90 -52.70
CA PHE D 53 11.04 27.14 -51.60
C PHE D 53 12.33 27.77 -52.12
N ALA D 54 12.92 28.62 -51.28
CA ALA D 54 14.27 29.11 -51.47
C ALA D 54 15.25 28.03 -51.07
N GLU D 55 16.49 28.16 -51.53
CA GLU D 55 17.55 27.28 -51.04
C GLU D 55 17.72 27.42 -49.53
N ASP D 56 17.79 28.64 -49.03
CA ASP D 56 17.82 28.86 -47.59
C ASP D 56 16.39 28.81 -47.03
N THR D 57 15.99 27.65 -46.53
CA THR D 57 14.61 27.43 -46.11
C THR D 57 14.55 26.40 -45.00
N MET D 58 13.33 26.15 -44.51
CA MET D 58 13.10 25.15 -43.49
C MET D 58 11.62 24.79 -43.46
N TYR D 59 11.36 23.57 -43.01
CA TYR D 59 10.01 23.05 -42.93
C TYR D 59 9.96 22.05 -41.81
N GLN D 60 8.89 22.10 -41.02
CA GLN D 60 8.82 21.24 -39.84
C GLN D 60 7.38 21.08 -39.40
N ASN D 61 7.02 19.84 -39.03
CA ASN D 61 5.77 19.57 -38.31
C ASN D 61 6.11 19.49 -36.83
N MET D 62 5.71 20.50 -36.06
CA MET D 62 6.04 20.62 -34.63
C MET D 62 5.58 19.46 -33.72
N PRO D 63 6.49 18.93 -32.87
CA PRO D 63 7.91 19.30 -32.71
C PRO D 63 8.87 18.30 -33.34
N LEU D 64 8.48 17.66 -34.44
CA LEU D 64 9.37 16.71 -35.07
C LEU D 64 10.63 17.42 -35.60
N PRO D 65 11.71 16.66 -35.79
CA PRO D 65 12.98 17.24 -36.27
C PRO D 65 12.78 18.04 -37.54
N PRO D 66 13.30 19.26 -37.60
CA PRO D 66 13.00 20.10 -38.75
C PRO D 66 13.95 19.79 -39.91
N ALA D 67 13.49 20.12 -41.11
CA ALA D 67 14.27 19.97 -42.32
C ALA D 67 14.77 21.36 -42.72
N TYR D 68 16.10 21.50 -42.82
CA TYR D 68 16.74 22.75 -43.23
C TYR D 68 17.44 22.57 -44.56
N GLY D 69 17.26 23.51 -45.47
CA GLY D 69 17.78 23.34 -46.81
C GLY D 69 16.75 22.74 -47.75
N ARG D 70 16.81 23.17 -49.00
CA ARG D 70 15.84 22.75 -50.02
C ARG D 70 15.88 21.24 -50.26
N ASP D 71 17.06 20.64 -50.24
CA ASP D 71 17.14 19.20 -50.52
C ASP D 71 16.43 18.40 -49.45
N ALA D 72 16.67 18.73 -48.17
CA ALA D 72 16.03 18.00 -47.07
C ALA D 72 14.51 18.20 -47.10
N VAL D 73 14.04 19.41 -47.38
CA VAL D 73 12.61 19.65 -47.48
C VAL D 73 12.00 18.74 -48.55
N GLU D 74 12.58 18.78 -49.75
CA GLU D 74 12.10 17.92 -50.83
C GLU D 74 12.14 16.45 -50.42
N GLN D 75 13.26 16.00 -49.83
CA GLN D 75 13.31 14.62 -49.37
C GLN D 75 12.16 14.35 -48.40
N THR D 76 11.94 15.25 -47.45
CA THR D 76 10.85 15.07 -46.50
C THR D 76 9.51 14.93 -47.20
N LEU D 77 9.15 15.93 -48.02
CA LEU D 77 7.91 15.89 -48.77
C LEU D 77 7.81 14.60 -49.59
N ALA D 78 8.86 14.26 -50.35
CA ALA D 78 8.78 13.09 -51.21
C ALA D 78 8.59 11.81 -50.39
N GLY D 79 9.22 11.73 -49.22
CA GLY D 79 8.97 10.59 -48.36
C GLY D 79 7.55 10.57 -47.86
N PHE D 80 7.01 11.73 -47.52
CA PHE D 80 5.64 11.78 -47.01
CA PHE D 80 5.64 11.80 -47.01
C PHE D 80 4.64 11.35 -48.07
N PHE D 81 4.79 11.85 -49.31
CA PHE D 81 3.87 11.50 -50.39
C PHE D 81 4.00 10.04 -50.83
N THR D 82 5.07 9.37 -50.45
CA THR D 82 5.18 7.93 -50.66
C THR D 82 4.11 7.17 -49.88
N VAL D 83 3.67 7.69 -48.74
CA VAL D 83 2.85 6.91 -47.82
C VAL D 83 1.50 7.55 -47.49
N VAL D 84 1.30 8.83 -47.81
CA VAL D 84 0.03 9.52 -47.55
CA VAL D 84 0.06 9.55 -47.52
C VAL D 84 -0.26 10.43 -48.72
N SER D 85 -1.56 10.62 -48.96
CA SER D 85 -2.06 11.56 -49.96
C SER D 85 -2.77 12.70 -49.26
N VAL D 86 -2.49 13.93 -49.69
CA VAL D 86 -3.23 15.10 -49.22
C VAL D 86 -4.49 15.18 -50.07
N ASP D 87 -5.63 14.82 -49.47
CA ASP D 87 -6.88 14.73 -50.24
C ASP D 87 -7.56 16.09 -50.38
N ALA D 88 -7.46 16.94 -49.36
CA ALA D 88 -8.16 18.22 -49.31
C ALA D 88 -7.44 19.17 -48.37
N VAL D 89 -7.41 20.44 -48.76
CA VAL D 89 -6.95 21.53 -47.90
C VAL D 89 -8.05 22.58 -47.89
N GLU D 90 -8.63 22.82 -46.73
CA GLU D 90 -9.60 23.90 -46.51
C GLU D 90 -8.92 24.94 -45.62
N THR D 91 -8.79 26.16 -46.13
CA THR D 91 -8.18 27.27 -45.41
C THR D 91 -9.27 28.20 -44.90
N PHE D 92 -9.42 28.27 -43.58
CA PHE D 92 -10.44 29.12 -42.99
C PHE D 92 -9.99 30.57 -42.87
N HIS D 93 -8.76 30.80 -42.38
CA HIS D 93 -8.24 32.14 -42.21
C HIS D 93 -6.88 32.24 -42.89
N ILE D 94 -6.59 33.43 -43.40
CA ILE D 94 -5.24 33.74 -43.84
C ILE D 94 -4.97 35.17 -43.48
N GLY D 95 -3.76 35.44 -43.01
CA GLY D 95 -3.36 36.76 -42.56
C GLY D 95 -1.86 36.81 -42.54
N SER D 96 -1.34 38.00 -42.25
CA SER D 96 0.10 38.17 -42.22
C SER D 96 0.47 39.33 -41.30
N SER D 97 1.71 39.31 -40.82
CA SER D 97 2.22 40.28 -39.86
C SER D 97 3.73 40.14 -39.72
N ASN D 98 4.44 41.26 -39.80
CA ASN D 98 5.88 41.31 -39.56
C ASN D 98 6.61 40.24 -40.37
N GLY D 99 6.23 40.09 -41.64
CA GLY D 99 6.90 39.18 -42.55
C GLY D 99 6.46 37.73 -42.47
N LEU D 100 5.48 37.38 -41.63
CA LEU D 100 5.02 36.02 -41.47
C LEU D 100 3.58 35.89 -41.95
N VAL D 101 3.26 34.79 -42.62
CA VAL D 101 1.92 34.49 -43.11
C VAL D 101 1.36 33.34 -42.30
N TYR D 102 0.09 33.46 -41.87
CA TYR D 102 -0.58 32.47 -41.02
C TYR D 102 -1.78 31.87 -41.76
N THR D 103 -1.92 30.55 -41.67
CA THR D 103 -3.03 29.81 -42.28
C THR D 103 -3.69 28.94 -41.22
N GLU D 104 -4.91 29.26 -40.85
CA GLU D 104 -5.70 28.39 -39.98
C GLU D 104 -6.61 27.55 -40.87
N ARG D 105 -6.48 26.21 -40.77
CA ARG D 105 -7.00 25.37 -41.83
C ARG D 105 -7.19 23.94 -41.32
N VAL D 106 -7.82 23.11 -42.17
CA VAL D 106 -7.90 21.66 -41.98
C VAL D 106 -7.32 20.97 -43.23
N ASP D 107 -6.52 19.94 -43.01
CA ASP D 107 -5.97 19.13 -44.10
C ASP D 107 -6.54 17.73 -43.96
N VAL D 108 -7.09 17.19 -45.04
CA VAL D 108 -7.53 15.80 -45.04
C VAL D 108 -6.42 14.95 -45.64
N LEU D 109 -5.85 14.05 -44.85
CA LEU D 109 -4.79 13.17 -45.33
C LEU D 109 -5.27 11.73 -45.32
N ARG D 110 -4.91 10.98 -46.35
CA ARG D 110 -5.33 9.59 -46.48
C ARG D 110 -4.08 8.71 -46.49
N ALA D 111 -4.06 7.72 -45.61
CA ALA D 111 -2.92 6.81 -45.60
C ALA D 111 -3.04 5.85 -46.77
N LEU D 112 -2.00 5.83 -47.61
CA LEU D 112 -1.98 4.96 -48.78
C LEU D 112 -2.02 3.48 -48.44
N PRO D 113 -1.39 2.98 -47.38
CA PRO D 113 -1.50 1.53 -47.10
C PRO D 113 -2.86 1.12 -46.59
N THR D 114 -3.52 1.93 -45.76
CA THR D 114 -4.77 1.55 -45.13
C THR D 114 -6.01 2.06 -45.85
N GLY D 115 -5.94 3.20 -46.53
CA GLY D 115 -7.14 3.84 -47.01
C GLY D 115 -7.91 4.61 -45.95
N LYS D 116 -7.47 4.57 -44.69
CA LYS D 116 -8.12 5.36 -43.66
C LYS D 116 -7.78 6.85 -43.83
N SER D 117 -8.76 7.70 -43.58
CA SER D 117 -8.63 9.14 -43.75
C SER D 117 -8.58 9.87 -42.40
N TYR D 118 -8.11 11.12 -42.45
CA TYR D 118 -7.77 11.86 -41.26
C TYR D 118 -7.99 13.36 -41.49
N ASN D 119 -8.63 14.00 -40.53
CA ASN D 119 -8.82 15.45 -40.49
C ASN D 119 -7.87 16.04 -39.47
N PHE D 120 -7.01 16.95 -39.92
CA PHE D 120 -6.04 17.60 -39.04
C PHE D 120 -6.32 19.08 -39.00
N SER D 121 -6.65 19.59 -37.82
CA SER D 121 -6.80 21.02 -37.62
C SER D 121 -5.41 21.62 -37.45
N ILE D 122 -5.04 22.54 -38.33
CA ILE D 122 -3.66 23.01 -38.44
C ILE D 122 -3.63 24.53 -38.42
N LEU D 123 -2.68 25.07 -37.67
CA LEU D 123 -2.33 26.48 -37.76
C LEU D 123 -0.85 26.52 -38.15
N GLY D 124 -0.58 27.01 -39.35
CA GLY D 124 0.77 27.03 -39.89
C GLY D 124 1.27 28.44 -40.14
N VAL D 125 2.57 28.60 -40.02
CA VAL D 125 3.24 29.88 -40.19
C VAL D 125 4.23 29.74 -41.35
N PHE D 126 4.30 30.78 -42.18
CA PHE D 126 5.17 30.78 -43.34
C PHE D 126 5.96 32.07 -43.40
N GLN D 127 7.25 31.94 -43.68
CA GLN D 127 8.12 33.09 -43.89
C GLN D 127 8.59 33.08 -45.34
N LEU D 128 8.26 34.15 -46.06
CA LEU D 128 8.54 34.29 -47.48
C LEU D 128 9.66 35.28 -47.67
N THR D 129 10.55 35.03 -48.63
CA THR D 129 11.60 35.98 -49.02
C THR D 129 11.62 36.04 -50.53
N GLU D 130 11.31 37.22 -51.08
CA GLU D 130 11.24 37.41 -52.53
C GLU D 130 10.31 36.40 -53.19
N GLY D 131 9.13 36.23 -52.59
CA GLY D 131 8.14 35.28 -53.06
C GLY D 131 8.44 33.81 -52.84
N LYS D 132 9.56 33.47 -52.21
CA LYS D 132 9.90 32.08 -51.98
C LYS D 132 9.86 31.74 -50.49
N ILE D 133 9.40 30.53 -50.17
CA ILE D 133 9.27 30.08 -48.79
C ILE D 133 10.66 29.89 -48.19
N THR D 134 10.98 30.66 -47.16
CA THR D 134 12.20 30.40 -46.40
C THR D 134 11.92 29.78 -45.03
N GLY D 135 10.65 29.60 -44.67
CA GLY D 135 10.30 28.76 -43.53
C GLY D 135 8.84 28.35 -43.60
N TRP D 136 8.55 27.18 -43.02
CA TRP D 136 7.20 26.62 -42.97
C TRP D 136 7.12 25.78 -41.71
N ARG D 137 6.34 26.22 -40.73
CA ARG D 137 6.06 25.47 -39.51
C ARG D 137 4.56 25.27 -39.36
N ASP D 138 4.13 24.00 -39.29
CA ASP D 138 2.73 23.62 -39.07
C ASP D 138 2.56 23.09 -37.65
N TYR D 139 1.50 23.54 -36.98
CA TYR D 139 1.24 23.16 -35.59
C TYR D 139 -0.10 22.43 -35.54
N PHE D 140 -0.09 21.21 -35.04
CA PHE D 140 -1.30 20.41 -34.94
C PHE D 140 -1.01 19.23 -34.04
N ASP D 141 -2.06 18.50 -33.71
CA ASP D 141 -1.94 17.32 -32.88
C ASP D 141 -1.36 16.17 -33.71
N LEU D 142 -0.35 15.51 -33.18
CA LEU D 142 0.30 14.42 -33.89
C LEU D 142 -0.14 13.05 -33.39
N ARG D 143 -1.15 12.99 -32.50
CA ARG D 143 -1.57 11.69 -31.97
C ARG D 143 -1.92 10.72 -33.10
N GLU D 144 -2.80 11.14 -34.00
CA GLU D 144 -3.17 10.28 -35.12
C GLU D 144 -2.24 10.46 -36.32
N PHE D 145 -1.36 11.47 -36.28
CA PHE D 145 -0.40 11.65 -37.36
C PHE D 145 0.63 10.53 -37.39
N GLU D 146 0.93 9.95 -36.22
CA GLU D 146 1.83 8.79 -36.16
C GLU D 146 1.22 7.60 -36.88
N GLU D 147 -0.07 7.32 -36.66
CA GLU D 147 -0.74 6.21 -37.35
C GLU D 147 -1.00 6.52 -38.81
N ALA D 148 -1.43 7.76 -39.12
CA ALA D 148 -1.69 8.17 -40.50
C ALA D 148 -0.46 8.01 -41.38
N VAL D 149 0.71 8.42 -40.90
CA VAL D 149 1.94 8.45 -41.69
C VAL D 149 2.78 7.23 -41.34
N ASP D 150 2.81 6.26 -42.26
CA ASP D 150 3.59 5.04 -42.16
C ASP D 150 5.09 5.32 -42.31
N LEU D 151 5.66 6.10 -41.39
CA LEU D 151 7.09 6.37 -41.40
C LEU D 151 7.47 6.62 -39.96
N PRO D 152 8.69 6.26 -39.55
CA PRO D 152 9.21 6.74 -38.27
C PRO D 152 9.23 8.27 -38.23
N LEU D 153 8.58 8.88 -37.26
CA LEU D 153 8.58 10.34 -37.21
C LEU D 153 9.80 10.92 -36.51
N ARG D 154 10.60 10.08 -35.82
CA ARG D 154 11.84 10.50 -35.16
C ARG D 154 11.61 11.54 -34.05
N GLY D 155 10.36 11.70 -33.63
CA GLY D 155 10.06 12.60 -32.54
C GLY D 155 8.83 12.14 -31.79
N GLU E 12 36.65 -19.73 18.55
CA GLU E 12 36.89 -19.93 17.11
C GLU E 12 35.70 -19.48 16.26
N GLN E 13 35.94 -18.53 15.38
CA GLN E 13 34.85 -17.87 14.62
C GLN E 13 34.20 -18.81 13.62
N PRO E 14 32.90 -19.08 13.73
CA PRO E 14 32.22 -19.93 12.74
C PRO E 14 32.11 -19.24 11.39
N ARG E 15 31.76 -20.05 10.38
CA ARG E 15 31.69 -19.53 9.00
C ARG E 15 30.51 -18.59 8.80
N TRP E 16 29.47 -18.74 9.61
CA TRP E 16 28.27 -17.93 9.46
C TRP E 16 28.35 -16.62 10.22
N ALA E 17 29.45 -16.37 10.94
CA ALA E 17 29.61 -15.12 11.64
C ALA E 17 29.59 -13.95 10.67
N SER E 18 28.79 -12.93 10.98
CA SER E 18 28.71 -11.72 10.15
C SER E 18 29.38 -10.57 10.89
N LYS E 19 30.41 -9.99 10.27
CA LYS E 19 31.07 -8.83 10.86
C LYS E 19 30.14 -7.66 11.04
N ASP E 20 29.01 -7.63 10.32
CA ASP E 20 28.07 -6.54 10.48
C ASP E 20 27.49 -6.49 11.89
N SER E 21 27.45 -7.63 12.59
CA SER E 21 26.84 -7.69 13.91
C SER E 21 27.85 -8.14 14.98
N ALA E 22 29.14 -7.97 14.72
CA ALA E 22 30.17 -8.45 15.62
C ALA E 22 30.20 -7.65 16.92
N ALA E 23 30.63 -8.31 18.00
CA ALA E 23 30.65 -7.68 19.31
C ALA E 23 31.38 -6.35 19.27
N GLY E 24 32.47 -6.28 18.51
CA GLY E 24 33.21 -5.03 18.35
C GLY E 24 32.45 -3.89 17.67
N ALA E 25 31.29 -4.18 17.08
CA ALA E 25 30.46 -3.17 16.43
C ALA E 25 29.27 -2.74 17.27
N ALA E 26 29.20 -3.18 18.52
CA ALA E 26 28.13 -2.78 19.42
C ALA E 26 27.93 -1.27 19.31
N SER E 27 26.66 -0.86 19.18
CA SER E 27 26.43 0.53 18.78
C SER E 27 25.26 1.20 19.48
N THR E 28 24.77 0.65 20.57
CA THR E 28 23.81 1.31 21.44
C THR E 28 24.25 1.11 22.87
N PRO E 29 23.77 1.97 23.80
CA PRO E 29 24.14 1.77 25.23
C PRO E 29 23.78 0.41 25.79
N ASP E 30 22.61 -0.15 25.47
CA ASP E 30 22.28 -1.46 26.02
C ASP E 30 23.14 -2.57 25.42
N GLU E 31 23.47 -2.46 24.13
CA GLU E 31 24.41 -3.40 23.52
C GLU E 31 25.75 -3.37 24.27
N LYS E 32 26.26 -2.18 24.55
CA LYS E 32 27.56 -2.10 25.23
C LYS E 32 27.49 -2.65 26.65
N ILE E 33 26.40 -2.35 27.37
CA ILE E 33 26.23 -2.89 28.72
C ILE E 33 26.17 -4.42 28.67
N VAL E 34 25.34 -4.99 27.81
CA VAL E 34 25.24 -6.45 27.76
C VAL E 34 26.60 -7.07 27.44
N LEU E 35 27.33 -6.48 26.50
CA LEU E 35 28.68 -6.97 26.20
C LEU E 35 29.58 -6.88 27.43
N GLU E 36 29.46 -5.79 28.17
CA GLU E 36 30.21 -5.67 29.41
C GLU E 36 29.84 -6.79 30.38
N PHE E 37 28.54 -7.10 30.46
CA PHE E 37 28.10 -8.18 31.32
C PHE E 37 28.70 -9.52 30.87
N MET E 38 28.76 -9.74 29.55
CA MET E 38 29.39 -10.93 28.98
C MET E 38 30.85 -11.02 29.38
N ASP E 39 31.61 -9.97 29.11
CA ASP E 39 33.03 -10.00 29.45
C ASP E 39 33.24 -10.16 30.94
N ALA E 40 32.21 -9.88 31.75
CA ALA E 40 32.30 -10.00 33.19
C ALA E 40 31.86 -11.37 33.70
N LEU E 41 31.30 -12.20 32.83
CA LEU E 41 30.87 -13.53 33.25
C LEU E 41 32.07 -14.34 33.73
N THR E 42 33.23 -14.18 33.06
CA THR E 42 34.40 -14.97 33.41
C THR E 42 34.94 -14.65 34.80
N SER E 43 34.43 -13.60 35.45
CA SER E 43 34.86 -13.24 36.80
C SER E 43 34.40 -14.23 37.83
N ASN E 44 33.31 -14.96 37.56
CA ASN E 44 32.76 -15.93 38.52
C ASN E 44 32.40 -15.25 39.84
N ASP E 45 32.13 -13.96 39.80
CA ASP E 45 31.87 -13.17 41.01
C ASP E 45 30.40 -12.77 41.00
N ALA E 46 29.58 -13.57 41.68
CA ALA E 46 28.15 -13.27 41.72
C ALA E 46 27.86 -11.91 42.32
N ALA E 47 28.74 -11.39 43.18
CA ALA E 47 28.48 -10.07 43.76
C ALA E 47 28.78 -8.98 42.73
N LYS E 48 29.80 -9.15 41.92
CA LYS E 48 30.04 -8.20 40.85
C LYS E 48 28.94 -8.29 39.79
N LEU E 49 28.52 -9.51 39.43
CA LEU E 49 27.55 -9.65 38.36
C LEU E 49 26.15 -9.18 38.75
N ILE E 50 25.83 -9.15 40.04
CA ILE E 50 24.49 -8.77 40.47
C ILE E 50 24.22 -7.28 40.32
N GLU E 51 25.28 -6.47 40.21
CA GLU E 51 25.12 -5.02 40.01
C GLU E 51 24.44 -4.68 38.70
N TYR E 52 24.58 -5.54 37.69
CA TYR E 52 23.99 -5.30 36.37
C TYR E 52 22.49 -5.53 36.33
N PHE E 53 21.88 -6.03 37.40
CA PHE E 53 20.46 -6.38 37.41
C PHE E 53 19.62 -5.34 38.15
N ALA E 54 18.35 -5.30 37.81
CA ALA E 54 17.41 -4.44 38.51
C ALA E 54 16.69 -5.26 39.58
N GLU E 55 16.10 -4.54 40.55
CA GLU E 55 15.29 -5.18 41.58
C GLU E 55 14.30 -6.15 40.95
N ASP E 56 13.46 -5.65 40.05
CA ASP E 56 12.50 -6.45 39.31
C ASP E 56 13.22 -7.00 38.08
N THR E 57 13.69 -8.24 38.19
CA THR E 57 14.50 -8.86 37.15
C THR E 57 14.12 -10.32 37.06
N MET E 58 14.64 -10.99 36.03
CA MET E 58 14.38 -12.40 35.82
C MET E 58 15.55 -13.01 35.06
N TYR E 59 15.96 -14.21 35.48
CA TYR E 59 17.02 -14.94 34.80
C TYR E 59 16.60 -16.38 34.63
N GLN E 60 16.66 -16.86 33.39
CA GLN E 60 16.18 -18.21 33.10
C GLN E 60 17.11 -18.86 32.08
N ASN E 61 17.46 -20.11 32.34
CA ASN E 61 17.95 -21.01 31.31
C ASN E 61 16.76 -21.85 30.87
N MET E 62 16.25 -21.56 29.67
CA MET E 62 15.07 -22.23 29.13
C MET E 62 15.24 -23.74 29.01
N PRO E 63 14.19 -24.52 29.31
CA PRO E 63 12.90 -24.08 29.87
C PRO E 63 12.80 -24.29 31.39
N LEU E 64 13.94 -24.38 32.07
CA LEU E 64 13.98 -24.58 33.51
C LEU E 64 13.31 -23.42 34.26
N PRO E 65 12.82 -23.67 35.48
CA PRO E 65 12.06 -22.64 36.19
C PRO E 65 12.92 -21.42 36.46
N PRO E 66 12.39 -20.23 36.23
CA PRO E 66 13.21 -19.02 36.33
C PRO E 66 13.33 -18.52 37.77
N ALA E 67 14.35 -17.70 37.98
CA ALA E 67 14.59 -17.03 39.24
C ALA E 67 14.17 -15.57 39.08
N TYR E 68 13.03 -15.20 39.65
CA TYR E 68 12.56 -13.82 39.60
C TYR E 68 13.06 -13.06 40.81
N GLY E 69 13.53 -11.84 40.58
CA GLY E 69 14.04 -11.04 41.67
C GLY E 69 15.54 -11.11 41.80
N ARG E 70 16.13 -9.97 42.15
CA ARG E 70 17.58 -9.84 42.13
C ARG E 70 18.26 -10.79 43.12
N ASP E 71 17.65 -11.00 44.29
CA ASP E 71 18.30 -11.85 45.29
C ASP E 71 18.28 -13.31 44.86
N ALA E 72 17.14 -13.78 44.36
CA ALA E 72 17.10 -15.13 43.79
C ALA E 72 18.13 -15.27 42.67
N VAL E 73 18.18 -14.31 41.76
CA VAL E 73 19.21 -14.29 40.73
C VAL E 73 20.58 -14.46 41.35
N GLU E 74 20.90 -13.61 42.34
CA GLU E 74 22.21 -13.70 42.99
C GLU E 74 22.45 -15.07 43.60
N GLN E 75 21.45 -15.63 44.29
CA GLN E 75 21.64 -16.95 44.88
C GLN E 75 21.90 -18.01 43.82
N THR E 76 21.24 -17.89 42.67
CA THR E 76 21.45 -18.84 41.57
C THR E 76 22.87 -18.71 41.00
N LEU E 77 23.32 -17.49 40.75
CA LEU E 77 24.65 -17.32 40.21
C LEU E 77 25.69 -17.82 41.21
N ALA E 78 25.49 -17.50 42.49
CA ALA E 78 26.41 -17.93 43.54
C ALA E 78 26.46 -19.45 43.65
N GLY E 79 25.29 -20.10 43.61
CA GLY E 79 25.30 -21.55 43.59
C GLY E 79 26.05 -22.09 42.38
N PHE E 80 25.86 -21.42 41.25
CA PHE E 80 26.52 -21.84 40.01
CA PHE E 80 26.52 -21.82 40.00
C PHE E 80 28.03 -21.70 40.12
N PHE E 81 28.51 -20.57 40.66
CA PHE E 81 29.94 -20.33 40.76
C PHE E 81 30.62 -21.16 41.84
N THR E 82 29.86 -21.73 42.78
CA THR E 82 30.47 -22.68 43.70
C THR E 82 30.80 -24.02 43.05
N VAL E 83 30.37 -24.26 41.81
CA VAL E 83 30.60 -25.58 41.20
C VAL E 83 31.06 -25.47 39.76
N VAL E 84 30.85 -24.33 39.12
CA VAL E 84 31.21 -24.16 37.72
C VAL E 84 32.08 -22.92 37.59
N SER E 85 33.09 -23.01 36.72
CA SER E 85 33.86 -21.84 36.30
C SER E 85 33.55 -21.51 34.85
N VAL E 86 33.14 -20.26 34.61
CA VAL E 86 32.99 -19.74 33.26
C VAL E 86 34.38 -19.33 32.80
N ASP E 87 35.02 -20.19 32.02
CA ASP E 87 36.39 -19.91 31.60
C ASP E 87 36.47 -18.93 30.46
N ALA E 88 35.46 -18.91 29.59
CA ALA E 88 35.52 -18.07 28.39
C ALA E 88 34.12 -17.79 27.87
N VAL E 89 33.97 -16.59 27.32
CA VAL E 89 32.75 -16.19 26.62
C VAL E 89 33.19 -15.56 25.30
N GLU E 90 32.66 -16.07 24.20
CA GLU E 90 33.06 -15.61 22.87
C GLU E 90 31.77 -15.20 22.18
N THR E 91 31.53 -13.88 22.14
CA THR E 91 30.29 -13.33 21.62
C THR E 91 30.47 -13.05 20.12
N PHE E 92 29.85 -13.90 19.30
CA PHE E 92 29.93 -13.74 17.85
C PHE E 92 29.08 -12.58 17.38
N HIS E 93 27.83 -12.52 17.82
CA HIS E 93 26.92 -11.49 17.43
C HIS E 93 26.35 -10.83 18.65
N ILE E 94 26.25 -9.51 18.60
CA ILE E 94 25.40 -8.76 19.50
C ILE E 94 24.60 -7.81 18.63
N GLY E 95 23.30 -7.74 18.89
CA GLY E 95 22.38 -6.87 18.18
C GLY E 95 21.26 -6.48 19.12
N SER E 96 20.36 -5.65 18.62
CA SER E 96 19.24 -5.19 19.45
C SER E 96 18.08 -4.75 18.58
N SER E 97 16.87 -4.95 19.08
CA SER E 97 15.64 -4.55 18.40
C SER E 97 14.51 -4.41 19.41
N ASN E 98 13.76 -3.31 19.32
CA ASN E 98 12.54 -3.10 20.12
C ASN E 98 12.76 -3.30 21.61
N GLY E 99 13.88 -2.82 22.13
CA GLY E 99 14.10 -2.94 23.55
C GLY E 99 14.75 -4.22 24.03
N LEU E 100 14.98 -5.20 23.17
CA LEU E 100 15.68 -6.42 23.55
C LEU E 100 17.06 -6.44 22.89
N VAL E 101 18.04 -6.95 23.62
CA VAL E 101 19.40 -7.16 23.14
C VAL E 101 19.61 -8.65 22.95
N TYR E 102 20.30 -9.03 21.86
CA TYR E 102 20.53 -10.43 21.55
C TYR E 102 22.02 -10.69 21.47
N THR E 103 22.44 -11.82 22.05
CA THR E 103 23.82 -12.26 21.95
C THR E 103 23.82 -13.66 21.37
N GLU E 104 24.61 -13.87 20.33
CA GLU E 104 24.89 -15.20 19.79
C GLU E 104 26.36 -15.47 20.08
N ARG E 105 26.61 -16.54 20.83
CA ARG E 105 27.88 -16.70 21.52
C ARG E 105 28.09 -18.17 21.88
N VAL E 106 29.28 -18.44 22.42
CA VAL E 106 29.64 -19.74 22.96
C VAL E 106 30.24 -19.51 24.34
N ASP E 107 29.75 -20.25 25.33
CA ASP E 107 30.29 -20.17 26.70
C ASP E 107 31.03 -21.45 27.04
N VAL E 108 32.26 -21.30 27.53
CA VAL E 108 33.07 -22.42 27.99
C VAL E 108 32.91 -22.50 29.50
N LEU E 109 32.19 -23.52 29.95
CA LEU E 109 31.97 -23.78 31.37
C LEU E 109 32.80 -25.00 31.77
N ARG E 110 33.57 -24.87 32.84
CA ARG E 110 34.36 -25.98 33.36
C ARG E 110 33.86 -26.33 34.75
N ALA E 111 33.44 -27.58 34.93
CA ALA E 111 32.95 -28.03 36.22
C ALA E 111 34.10 -28.12 37.21
N LEU E 112 33.96 -27.44 38.35
CA LEU E 112 35.03 -27.40 39.35
C LEU E 112 35.43 -28.79 39.87
N PRO E 113 34.51 -29.65 40.33
CA PRO E 113 34.95 -30.95 40.89
C PRO E 113 35.71 -31.82 39.91
N THR E 114 35.32 -31.82 38.65
CA THR E 114 35.93 -32.70 37.65
C THR E 114 37.01 -32.02 36.83
N GLY E 115 36.92 -30.71 36.63
CA GLY E 115 37.88 -30.02 35.79
C GLY E 115 37.66 -30.23 34.30
N LYS E 116 36.44 -30.60 33.89
CA LYS E 116 36.14 -30.88 32.50
C LYS E 116 35.39 -29.70 31.88
N SER E 117 35.70 -29.41 30.63
CA SER E 117 35.17 -28.24 29.93
C SER E 117 34.02 -28.61 29.01
N TYR E 118 33.11 -27.66 28.83
CA TYR E 118 31.96 -27.82 27.96
C TYR E 118 31.77 -26.57 27.12
N ASN E 119 31.55 -26.76 25.81
CA ASN E 119 31.24 -25.67 24.88
C ASN E 119 29.74 -25.63 24.67
N PHE E 120 29.11 -24.54 25.14
CA PHE E 120 27.67 -24.35 24.98
C PHE E 120 27.42 -23.28 23.94
N SER E 121 26.72 -23.66 22.86
CA SER E 121 26.26 -22.73 21.84
C SER E 121 24.97 -22.09 22.33
N ILE E 122 25.08 -20.88 22.84
CA ILE E 122 23.95 -20.18 23.44
C ILE E 122 23.54 -19.06 22.50
N LEU E 123 22.24 -18.82 22.39
CA LEU E 123 21.78 -17.53 21.92
C LEU E 123 20.80 -16.98 22.95
N GLY E 124 21.06 -15.76 23.42
CA GLY E 124 20.40 -15.24 24.59
C GLY E 124 19.78 -13.87 24.35
N VAL E 125 18.72 -13.58 25.10
CA VAL E 125 17.98 -12.33 24.98
C VAL E 125 18.01 -11.59 26.31
N PHE E 126 18.20 -10.29 26.25
CA PHE E 126 18.23 -9.46 27.44
C PHE E 126 17.25 -8.31 27.25
N GLN E 127 16.58 -7.97 28.34
CA GLN E 127 15.76 -6.76 28.37
C GLN E 127 16.30 -5.87 29.48
N LEU E 128 16.61 -4.63 29.13
CA LEU E 128 17.19 -3.67 30.06
C LEU E 128 16.23 -2.52 30.27
N THR E 129 16.19 -2.04 31.50
CA THR E 129 15.36 -0.89 31.88
C THR E 129 16.26 0.06 32.65
N GLU E 130 16.55 1.20 32.05
CA GLU E 130 17.44 2.20 32.64
C GLU E 130 18.83 1.63 32.87
N GLY E 131 19.37 0.93 31.87
CA GLY E 131 20.69 0.34 31.96
C GLY E 131 20.84 -0.85 32.89
N LYS E 132 19.74 -1.44 33.37
CA LYS E 132 19.79 -2.58 34.27
C LYS E 132 19.02 -3.76 33.67
N ILE E 133 19.51 -4.97 33.94
CA ILE E 133 18.92 -6.17 33.34
C ILE E 133 17.62 -6.51 34.07
N THR E 134 16.49 -6.30 33.42
CA THR E 134 15.20 -6.73 33.95
C THR E 134 14.77 -8.09 33.42
N GLY E 135 15.53 -8.66 32.48
CA GLY E 135 15.22 -9.98 32.00
C GLY E 135 16.35 -10.56 31.21
N TRP E 136 16.68 -11.82 31.47
CA TRP E 136 17.79 -12.50 30.81
C TRP E 136 17.43 -13.96 30.61
N ARG E 137 17.38 -14.39 29.35
CA ARG E 137 16.95 -15.73 28.99
C ARG E 137 17.96 -16.32 27.99
N ASP E 138 18.74 -17.28 28.46
CA ASP E 138 19.71 -18.00 27.62
C ASP E 138 19.05 -19.23 27.04
N TYR E 139 19.21 -19.42 25.73
CA TYR E 139 18.68 -20.60 25.04
C TYR E 139 19.85 -21.43 24.56
N PHE E 140 19.89 -22.70 24.96
CA PHE E 140 20.91 -23.63 24.51
C PHE E 140 20.44 -25.05 24.78
N ASP E 141 21.27 -26.01 24.36
CA ASP E 141 21.00 -27.42 24.59
C ASP E 141 21.40 -27.81 26.01
N LEU E 142 20.46 -28.38 26.77
CA LEU E 142 20.70 -28.66 28.19
C LEU E 142 21.12 -30.10 28.43
N ARG E 143 21.54 -30.83 27.39
CA ARG E 143 21.86 -32.24 27.57
C ARG E 143 23.07 -32.41 28.48
N GLU E 144 24.18 -31.76 28.17
CA GLU E 144 25.35 -31.80 29.02
C GLU E 144 25.37 -30.70 30.08
N PHE E 145 24.27 -29.96 30.24
CA PHE E 145 24.22 -28.92 31.27
C PHE E 145 23.89 -29.49 32.64
N GLU E 146 23.13 -30.58 32.70
CA GLU E 146 22.95 -31.29 33.97
C GLU E 146 24.29 -31.80 34.48
N GLU E 147 25.11 -32.36 33.59
CA GLU E 147 26.44 -32.81 33.97
C GLU E 147 27.40 -31.63 34.17
N ALA E 148 27.22 -30.53 33.44
CA ALA E 148 28.04 -29.32 33.62
C ALA E 148 27.94 -28.77 35.04
N VAL E 149 26.78 -28.23 35.41
CA VAL E 149 26.51 -27.81 36.77
C VAL E 149 25.80 -28.94 37.48
N ASP E 150 26.42 -29.44 38.54
CA ASP E 150 26.06 -30.73 39.13
C ASP E 150 24.95 -30.56 40.13
N LEU E 151 23.70 -30.53 39.64
CA LEU E 151 22.56 -30.46 40.56
C LEU E 151 21.22 -30.48 39.81
N ILE F 11 -1.11 -22.00 22.93
CA ILE F 11 0.07 -21.58 23.67
C ILE F 11 -0.20 -20.24 24.37
N GLU F 12 0.10 -20.20 25.68
CA GLU F 12 -0.11 -19.01 26.49
C GLU F 12 1.01 -18.00 26.28
N GLN F 13 0.66 -16.72 26.37
CA GLN F 13 1.67 -15.67 26.32
C GLN F 13 2.46 -15.65 27.63
N PRO F 14 3.76 -15.87 27.60
CA PRO F 14 4.56 -15.83 28.84
C PRO F 14 4.54 -14.45 29.46
N ARG F 15 4.74 -14.41 30.78
CA ARG F 15 4.67 -13.15 31.51
C ARG F 15 5.66 -12.11 30.97
N TRP F 16 6.85 -12.55 30.59
CA TRP F 16 7.88 -11.65 30.08
C TRP F 16 7.68 -11.26 28.62
N ALA F 17 6.53 -11.56 28.03
CA ALA F 17 6.29 -11.16 26.65
C ALA F 17 6.07 -9.65 26.60
N SER F 18 6.61 -9.04 25.55
CA SER F 18 6.68 -7.58 25.40
C SER F 18 5.97 -7.19 24.11
N LYS F 19 4.94 -6.34 24.23
CA LYS F 19 4.19 -5.92 23.05
C LYS F 19 5.05 -5.13 22.07
N ASP F 20 6.13 -4.51 22.55
CA ASP F 20 6.98 -3.72 21.67
C ASP F 20 7.64 -4.58 20.60
N SER F 21 7.79 -5.88 20.83
CA SER F 21 8.43 -6.76 19.86
C SER F 21 7.51 -7.88 19.40
N ALA F 22 6.19 -7.70 19.51
CA ALA F 22 5.23 -8.74 19.18
C ALA F 22 5.28 -9.09 17.71
N ALA F 23 4.77 -10.28 17.39
CA ALA F 23 4.81 -10.74 16.00
C ALA F 23 3.98 -9.83 15.10
N GLY F 24 2.84 -9.34 15.61
CA GLY F 24 2.04 -8.41 14.83
C GLY F 24 2.72 -7.08 14.56
N ALA F 25 3.73 -6.72 15.36
CA ALA F 25 4.45 -5.47 15.22
C ALA F 25 5.60 -5.55 14.23
N ALA F 26 5.74 -6.66 13.50
CA ALA F 26 6.76 -6.80 12.48
C ALA F 26 6.75 -5.58 11.55
N SER F 27 7.92 -4.93 11.42
CA SER F 27 8.00 -3.61 10.79
C SER F 27 9.09 -3.49 9.73
N THR F 28 9.63 -4.60 9.24
CA THR F 28 10.57 -4.59 8.12
C THR F 28 10.21 -5.73 7.19
N PRO F 29 10.69 -5.69 5.94
CA PRO F 29 10.43 -6.81 5.03
C PRO F 29 10.97 -8.15 5.51
N ASP F 30 12.21 -8.19 6.01
CA ASP F 30 12.81 -9.43 6.47
C ASP F 30 12.02 -10.03 7.62
N GLU F 31 11.52 -9.19 8.52
CA GLU F 31 10.76 -9.69 9.65
C GLU F 31 9.43 -10.27 9.19
N LYS F 32 8.74 -9.60 8.28
CA LYS F 32 7.50 -10.15 7.72
C LYS F 32 7.76 -11.47 6.99
N ILE F 33 8.81 -11.53 6.17
CA ILE F 33 9.12 -12.79 5.48
C ILE F 33 9.32 -13.91 6.49
N VAL F 34 10.18 -13.69 7.48
CA VAL F 34 10.47 -14.73 8.45
C VAL F 34 9.21 -15.10 9.21
N LEU F 35 8.39 -14.11 9.56
CA LEU F 35 7.16 -14.43 10.28
C LEU F 35 6.21 -15.24 9.42
N GLU F 36 6.19 -14.99 8.11
CA GLU F 36 5.35 -15.78 7.23
C GLU F 36 5.90 -17.19 7.09
N PHE F 37 7.23 -17.34 7.07
CA PHE F 37 7.82 -18.66 7.09
C PHE F 37 7.48 -19.40 8.37
N MET F 38 7.44 -18.69 9.51
CA MET F 38 7.02 -19.31 10.77
C MET F 38 5.60 -19.83 10.70
N ASP F 39 4.69 -19.05 10.10
CA ASP F 39 3.32 -19.52 9.96
C ASP F 39 3.20 -20.64 8.93
N ALA F 40 4.23 -20.83 8.11
CA ALA F 40 4.21 -21.86 7.11
C ALA F 40 4.79 -23.19 7.61
N LEU F 41 5.50 -23.18 8.74
CA LEU F 41 6.00 -24.42 9.31
C LEU F 41 4.86 -25.39 9.58
N THR F 42 3.68 -24.88 9.95
CA THR F 42 2.56 -25.75 10.29
C THR F 42 2.11 -26.63 9.14
N SER F 43 2.54 -26.33 7.91
CA SER F 43 2.09 -27.08 6.75
C SER F 43 2.90 -28.36 6.53
N ASN F 44 4.04 -28.51 7.19
CA ASN F 44 4.87 -29.71 7.09
C ASN F 44 5.15 -30.10 5.65
N ASP F 45 5.10 -29.13 4.74
CA ASP F 45 5.39 -29.36 3.33
C ASP F 45 6.80 -28.86 3.08
N ALA F 46 7.74 -29.81 2.94
CA ALA F 46 9.12 -29.42 2.69
C ALA F 46 9.26 -28.68 1.37
N ALA F 47 8.54 -29.14 0.34
CA ALA F 47 8.71 -28.55 -0.98
C ALA F 47 8.29 -27.09 -1.02
N LYS F 48 7.29 -26.73 -0.21
CA LYS F 48 6.90 -25.32 -0.15
C LYS F 48 7.81 -24.52 0.79
N LEU F 49 8.26 -25.11 1.89
CA LEU F 49 9.16 -24.39 2.79
C LEU F 49 10.48 -24.07 2.10
N ILE F 50 10.94 -24.93 1.18
CA ILE F 50 12.24 -24.70 0.54
C ILE F 50 12.21 -23.48 -0.37
N GLU F 51 11.02 -23.04 -0.79
CA GLU F 51 10.95 -21.80 -1.57
C GLU F 51 11.45 -20.59 -0.78
N TYR F 52 11.38 -20.63 0.56
CA TYR F 52 11.85 -19.49 1.33
C TYR F 52 13.38 -19.39 1.41
N PHE F 53 14.10 -20.37 0.90
CA PHE F 53 15.54 -20.47 1.12
C PHE F 53 16.31 -20.15 -0.15
N ALA F 54 17.47 -19.53 0.02
CA ALA F 54 18.40 -19.31 -1.07
C ALA F 54 19.10 -20.61 -1.47
N GLU F 55 19.70 -20.58 -2.66
CA GLU F 55 20.66 -21.62 -3.07
C GLU F 55 21.77 -21.79 -2.04
N ASP F 56 22.47 -20.71 -1.70
CA ASP F 56 23.55 -20.74 -0.72
C ASP F 56 22.96 -20.42 0.65
N THR F 57 22.81 -21.44 1.49
CA THR F 57 22.00 -21.32 2.69
C THR F 57 22.51 -22.32 3.72
N MET F 58 21.99 -22.21 4.95
CA MET F 58 22.23 -23.24 5.94
C MET F 58 21.14 -23.24 7.01
N TYR F 59 20.94 -24.42 7.61
CA TYR F 59 19.95 -24.66 8.65
C TYR F 59 20.51 -25.62 9.69
N GLN F 60 20.44 -25.22 10.97
CA GLN F 60 21.09 -25.97 12.04
C GLN F 60 20.32 -25.85 13.34
N ASN F 61 20.11 -26.99 14.00
CA ASN F 61 19.60 -27.03 15.38
C ASN F 61 20.83 -27.17 16.29
N MET F 62 21.22 -26.08 16.93
CA MET F 62 22.49 -26.06 17.65
C MET F 62 22.53 -27.09 18.78
N PRO F 63 23.68 -27.79 18.93
CA PRO F 63 24.88 -27.69 18.10
C PRO F 63 25.07 -28.82 17.08
N LEU F 64 23.97 -29.48 16.70
CA LEU F 64 24.03 -30.61 15.77
C LEU F 64 24.69 -30.20 14.45
N PRO F 65 25.19 -31.16 13.69
CA PRO F 65 25.80 -30.85 12.38
C PRO F 65 24.82 -30.11 11.48
N PRO F 66 25.25 -29.02 10.86
CA PRO F 66 24.33 -28.22 10.06
C PRO F 66 24.09 -28.82 8.69
N ALA F 67 22.94 -28.46 8.11
CA ALA F 67 22.64 -28.73 6.72
C ALA F 67 23.00 -27.50 5.90
N TYR F 68 24.09 -27.57 5.15
CA TYR F 68 24.45 -26.52 4.22
C TYR F 68 23.91 -26.88 2.84
N GLY F 69 23.42 -25.86 2.13
CA GLY F 69 22.88 -26.09 0.82
C GLY F 69 21.36 -26.23 0.79
N ARG F 70 20.75 -25.61 -0.22
CA ARG F 70 19.30 -25.65 -0.39
C ARG F 70 18.81 -27.08 -0.47
N ASP F 71 19.57 -27.94 -1.16
CA ASP F 71 19.18 -29.35 -1.31
C ASP F 71 19.25 -30.08 0.03
N ALA F 72 20.37 -29.91 0.75
CA ALA F 72 20.51 -30.57 2.03
C ALA F 72 19.43 -30.11 3.00
N VAL F 73 19.12 -28.80 2.99
CA VAL F 73 18.07 -28.30 3.87
C VAL F 73 16.74 -28.95 3.52
N GLU F 74 16.41 -29.04 2.24
CA GLU F 74 15.12 -29.61 1.84
C GLU F 74 15.01 -31.07 2.23
N GLN F 75 16.06 -31.87 1.98
CA GLN F 75 16.04 -33.25 2.44
C GLN F 75 15.89 -33.35 3.95
N THR F 76 16.54 -32.45 4.69
CA THR F 76 16.40 -32.44 6.15
C THR F 76 14.96 -32.17 6.56
N LEU F 77 14.31 -31.20 5.92
CA LEU F 77 12.94 -30.89 6.30
C LEU F 77 12.00 -32.02 5.92
N ALA F 78 12.26 -32.69 4.80
CA ALA F 78 11.41 -33.78 4.37
C ALA F 78 11.57 -34.99 5.27
N GLY F 79 12.82 -35.32 5.61
CA GLY F 79 13.05 -36.39 6.57
C GLY F 79 12.36 -36.15 7.90
N PHE F 80 12.39 -34.92 8.40
CA PHE F 80 11.79 -34.68 9.72
C PHE F 80 10.27 -34.74 9.65
N PHE F 81 9.67 -34.04 8.68
CA PHE F 81 8.22 -34.09 8.50
C PHE F 81 7.71 -35.51 8.26
N THR F 82 8.58 -36.44 7.89
CA THR F 82 8.19 -37.84 7.79
C THR F 82 7.79 -38.41 9.15
N VAL F 83 8.49 -38.01 10.20
CA VAL F 83 8.29 -38.59 11.53
C VAL F 83 7.80 -37.56 12.56
N VAL F 84 7.64 -36.29 12.16
CA VAL F 84 7.17 -35.26 13.08
C VAL F 84 6.14 -34.38 12.39
N SER F 85 5.24 -33.81 13.17
CA SER F 85 4.37 -32.75 12.71
C SER F 85 4.54 -31.52 13.58
N VAL F 86 4.78 -30.38 12.93
CA VAL F 86 4.77 -29.08 13.61
C VAL F 86 3.31 -28.67 13.72
N ASP F 87 2.75 -28.78 14.91
CA ASP F 87 1.33 -28.52 15.14
C ASP F 87 1.03 -27.08 15.53
N ALA F 88 2.00 -26.35 16.07
CA ALA F 88 1.83 -24.95 16.38
C ALA F 88 3.19 -24.29 16.37
N VAL F 89 3.23 -23.06 15.87
CA VAL F 89 4.36 -22.15 16.06
C VAL F 89 3.78 -20.84 16.58
N GLU F 90 4.04 -20.53 17.85
CA GLU F 90 3.64 -19.26 18.43
C GLU F 90 4.90 -18.41 18.57
N THR F 91 4.95 -17.31 17.82
CA THR F 91 6.05 -16.36 17.85
C THR F 91 5.72 -15.26 18.85
N PHE F 92 6.44 -15.24 19.98
CA PHE F 92 6.24 -14.19 20.98
C PHE F 92 6.90 -12.88 20.55
N HIS F 93 8.18 -12.96 20.22
CA HIS F 93 8.98 -11.79 19.89
C HIS F 93 9.57 -11.98 18.50
N ILE F 94 9.52 -10.92 17.69
CA ILE F 94 10.24 -10.90 16.42
C ILE F 94 10.90 -9.55 16.29
N GLY F 95 12.17 -9.57 15.89
CA GLY F 95 12.97 -8.36 15.82
C GLY F 95 14.13 -8.64 14.91
N SER F 96 14.83 -7.56 14.58
CA SER F 96 15.91 -7.69 13.63
C SER F 96 16.98 -6.67 13.96
N SER F 97 18.23 -7.01 13.63
CA SER F 97 19.37 -6.14 13.90
C SER F 97 20.52 -6.54 12.99
N ASN F 98 21.11 -5.53 12.32
CA ASN F 98 22.31 -5.69 11.52
C ASN F 98 22.19 -6.81 10.48
N GLY F 99 21.00 -6.98 9.91
CA GLY F 99 20.78 -7.99 8.89
C GLY F 99 20.26 -9.32 9.40
N LEU F 100 20.26 -9.55 10.71
CA LEU F 100 19.71 -10.76 11.29
C LEU F 100 18.29 -10.48 11.80
N VAL F 101 17.49 -11.54 11.83
CA VAL F 101 16.14 -11.51 12.35
C VAL F 101 16.07 -12.50 13.50
N TYR F 102 15.39 -12.13 14.58
CA TYR F 102 15.31 -13.01 15.74
C TYR F 102 13.85 -13.35 16.01
N THR F 103 13.62 -14.61 16.35
CA THR F 103 12.31 -15.12 16.72
C THR F 103 12.43 -15.77 18.08
N GLU F 104 11.67 -15.27 19.06
CA GLU F 104 11.53 -15.93 20.35
C GLU F 104 10.15 -16.55 20.40
N ARG F 105 10.10 -17.87 20.42
CA ARG F 105 8.88 -18.59 20.08
C ARG F 105 8.80 -19.87 20.89
N VAL F 106 7.70 -20.60 20.73
CA VAL F 106 7.58 -21.97 21.21
C VAL F 106 7.00 -22.80 20.07
N ASP F 107 7.65 -23.92 19.78
CA ASP F 107 7.19 -24.86 18.77
C ASP F 107 6.58 -26.05 19.49
N VAL F 108 5.40 -26.47 19.03
CA VAL F 108 4.78 -27.71 19.50
C VAL F 108 5.00 -28.77 18.43
N LEU F 109 5.75 -29.81 18.80
CA LEU F 109 6.09 -30.91 17.91
C LEU F 109 5.43 -32.17 18.41
N ARG F 110 4.72 -32.85 17.53
CA ARG F 110 4.09 -34.13 17.87
C ARG F 110 4.79 -35.24 17.09
N ALA F 111 5.30 -36.23 17.81
CA ALA F 111 5.89 -37.40 17.19
C ALA F 111 4.79 -38.22 16.51
N LEU F 112 4.89 -38.35 15.20
CA LEU F 112 3.86 -39.04 14.43
C LEU F 112 3.71 -40.52 14.79
N PRO F 113 4.79 -41.28 15.02
CA PRO F 113 4.59 -42.70 15.39
C PRO F 113 3.86 -42.87 16.72
N THR F 114 4.09 -41.98 17.71
CA THR F 114 3.52 -42.15 19.04
C THR F 114 2.33 -41.25 19.34
N GLY F 115 2.28 -40.06 18.78
CA GLY F 115 1.26 -39.10 19.13
C GLY F 115 1.60 -38.20 20.31
N LYS F 116 2.80 -38.33 20.87
CA LYS F 116 3.23 -37.50 21.99
C LYS F 116 3.53 -36.08 21.52
N SER F 117 2.98 -35.10 22.23
CA SER F 117 3.27 -33.70 21.95
C SER F 117 4.46 -33.21 22.75
N TYR F 118 5.13 -32.19 22.23
CA TYR F 118 6.26 -31.58 22.91
C TYR F 118 6.20 -30.07 22.70
N ASN F 119 6.58 -29.33 23.74
CA ASN F 119 6.68 -27.88 23.70
C ASN F 119 8.16 -27.52 23.77
N PHE F 120 8.69 -26.88 22.73
CA PHE F 120 10.08 -26.44 22.68
C PHE F 120 10.14 -24.93 22.72
N SER F 121 10.71 -24.40 23.81
CA SER F 121 11.00 -22.98 23.90
C SER F 121 12.22 -22.71 23.04
N ILE F 122 12.02 -21.97 21.95
CA ILE F 122 13.02 -21.81 20.92
C ILE F 122 13.28 -20.33 20.76
N LEU F 123 14.55 -19.99 20.56
CA LEU F 123 14.88 -18.67 20.13
C LEU F 123 15.79 -18.80 18.91
N GLY F 124 15.42 -18.17 17.80
CA GLY F 124 16.08 -18.40 16.54
C GLY F 124 16.62 -17.14 15.87
N VAL F 125 17.75 -17.29 15.18
CA VAL F 125 18.31 -16.21 14.39
C VAL F 125 18.31 -16.60 12.91
N PHE F 126 18.01 -15.62 12.05
CA PHE F 126 17.95 -15.81 10.60
C PHE F 126 18.79 -14.77 9.89
N GLN F 127 19.35 -15.17 8.75
CA GLN F 127 19.98 -14.25 7.83
C GLN F 127 19.31 -14.39 6.47
N LEU F 128 18.87 -13.26 5.91
CA LEU F 128 18.14 -13.23 4.65
C LEU F 128 18.89 -12.37 3.66
N THR F 129 19.08 -12.88 2.44
CA THR F 129 19.73 -12.16 1.37
C THR F 129 18.75 -12.07 0.21
N GLU F 130 18.44 -10.85 -0.23
CA GLU F 130 17.47 -10.62 -1.29
C GLU F 130 16.14 -11.32 -1.00
N GLY F 131 15.71 -11.21 0.25
CA GLY F 131 14.45 -11.79 0.68
C GLY F 131 14.47 -13.28 0.93
N LYS F 132 15.64 -13.92 0.81
CA LYS F 132 15.77 -15.36 0.86
C LYS F 132 16.65 -15.76 2.02
N ILE F 133 16.30 -16.85 2.69
CA ILE F 133 17.00 -17.28 3.89
C ILE F 133 18.35 -17.87 3.50
N THR F 134 19.42 -17.29 4.06
CA THR F 134 20.78 -17.78 3.92
C THR F 134 21.29 -18.49 5.17
N GLY F 135 20.68 -18.19 6.32
CA GLY F 135 21.11 -18.74 7.58
C GLY F 135 19.92 -18.97 8.47
N TRP F 136 19.78 -20.17 9.04
CA TRP F 136 18.70 -20.43 9.97
C TRP F 136 19.24 -21.31 11.10
N ARG F 137 19.37 -20.74 12.29
CA ARG F 137 19.97 -21.40 13.45
C ARG F 137 18.99 -21.32 14.61
N ASP F 138 18.49 -22.47 15.05
CA ASP F 138 17.58 -22.54 16.18
C ASP F 138 18.34 -23.00 17.42
N TYR F 139 18.07 -22.31 18.53
CA TYR F 139 18.67 -22.61 19.83
C TYR F 139 17.54 -22.99 20.78
N PHE F 140 17.69 -24.15 21.42
CA PHE F 140 16.70 -24.68 22.35
C PHE F 140 17.28 -25.95 22.96
N ASP F 141 16.62 -26.45 23.99
CA ASP F 141 17.10 -27.62 24.71
C ASP F 141 16.77 -28.89 23.93
N LEU F 142 17.79 -29.71 23.66
CA LEU F 142 17.65 -30.93 22.88
C LEU F 142 17.49 -32.20 23.73
N ARG F 143 17.05 -32.07 24.98
CA ARG F 143 16.94 -33.26 25.83
C ARG F 143 15.85 -34.19 25.34
N GLU F 144 14.70 -33.67 24.93
CA GLU F 144 13.63 -34.47 24.36
C GLU F 144 13.53 -34.35 22.85
N PHE F 145 14.49 -33.69 22.20
CA PHE F 145 14.35 -33.46 20.77
C PHE F 145 14.54 -34.75 20.00
N GLU F 146 15.49 -35.59 20.44
CA GLU F 146 15.74 -36.84 19.72
C GLU F 146 14.58 -37.81 19.87
N GLU F 147 13.84 -37.71 20.97
CA GLU F 147 12.63 -38.51 21.13
C GLU F 147 11.49 -37.98 20.27
N ALA F 148 11.39 -36.66 20.11
CA ALA F 148 10.34 -36.10 19.26
C ALA F 148 10.56 -36.45 17.80
N VAL F 149 11.76 -36.21 17.28
CA VAL F 149 12.15 -36.63 15.94
C VAL F 149 13.14 -37.77 16.08
N ASP F 150 12.63 -39.01 16.11
CA ASP F 150 13.49 -40.16 16.39
C ASP F 150 14.16 -40.62 15.09
N LEU F 151 15.11 -39.79 14.65
CA LEU F 151 16.01 -40.15 13.57
C LEU F 151 17.42 -40.23 14.14
N ILE G 11 -15.01 -29.26 7.21
CA ILE G 11 -16.22 -29.27 6.40
C ILE G 11 -15.98 -28.46 5.15
N GLU G 12 -15.87 -29.15 4.01
CA GLU G 12 -15.60 -28.39 2.81
C GLU G 12 -16.87 -27.68 2.31
N GLN G 13 -16.66 -26.74 1.43
CA GLN G 13 -17.78 -26.01 0.87
C GLN G 13 -18.45 -26.85 -0.22
N PRO G 14 -19.77 -26.95 -0.18
CA PRO G 14 -20.50 -27.71 -1.21
C PRO G 14 -20.43 -27.04 -2.58
N ARG G 15 -20.78 -27.82 -3.61
CA ARG G 15 -20.82 -27.30 -4.97
C ARG G 15 -21.88 -26.21 -5.13
N TRP G 16 -23.08 -26.45 -4.59
CA TRP G 16 -24.15 -25.46 -4.71
C TRP G 16 -23.87 -24.21 -3.96
N ALA G 17 -22.70 -23.99 -3.38
CA ALA G 17 -22.47 -22.77 -2.62
C ALA G 17 -22.49 -21.57 -3.55
N SER G 18 -23.08 -20.48 -3.08
CA SER G 18 -23.27 -19.28 -3.87
C SER G 18 -22.48 -18.13 -3.23
N LYS G 19 -21.51 -17.60 -3.99
CA LYS G 19 -20.77 -16.43 -3.51
C LYS G 19 -21.69 -15.26 -3.20
N ASP G 20 -22.78 -15.10 -3.97
CA ASP G 20 -23.71 -13.99 -3.79
C ASP G 20 -24.37 -13.99 -2.41
N SER G 21 -24.40 -15.12 -1.71
CA SER G 21 -25.01 -15.18 -0.39
C SER G 21 -24.03 -15.67 0.67
N ALA G 22 -22.72 -15.46 0.46
CA ALA G 22 -21.73 -15.96 1.39
C ALA G 22 -21.85 -15.26 2.74
N ALA G 23 -21.41 -15.96 3.79
CA ALA G 23 -21.42 -15.38 5.13
C ALA G 23 -20.71 -14.03 5.16
N GLY G 24 -19.54 -13.94 4.52
CA GLY G 24 -18.78 -12.69 4.51
C GLY G 24 -19.52 -11.53 3.88
N ALA G 25 -20.50 -11.81 3.03
CA ALA G 25 -21.26 -10.79 2.32
C ALA G 25 -22.47 -10.27 3.10
N ALA G 26 -22.65 -10.70 4.36
CA ALA G 26 -23.66 -10.11 5.23
C ALA G 26 -23.70 -8.60 5.05
N SER G 27 -24.88 -8.07 4.73
CA SER G 27 -24.96 -6.66 4.36
C SER G 27 -26.02 -5.89 5.15
N THR G 28 -26.54 -6.46 6.23
CA THR G 28 -27.51 -5.78 7.08
C THR G 28 -27.10 -6.00 8.52
N PRO G 29 -27.58 -5.17 9.45
CA PRO G 29 -27.23 -5.35 10.87
C PRO G 29 -27.72 -6.66 11.47
N ASP G 30 -28.93 -7.12 11.11
CA ASP G 30 -29.43 -8.39 11.64
C ASP G 30 -28.65 -9.58 11.08
N GLU G 31 -28.27 -9.53 9.81
CA GLU G 31 -27.42 -10.58 9.26
C GLU G 31 -26.12 -10.67 10.04
N LYS G 32 -25.50 -9.51 10.34
CA LYS G 32 -24.28 -9.47 11.14
C LYS G 32 -24.48 -10.08 12.53
N ILE G 33 -25.62 -9.75 13.18
CA ILE G 33 -25.87 -10.22 14.55
C ILE G 33 -26.04 -11.73 14.59
N VAL G 34 -26.78 -12.29 13.63
CA VAL G 34 -26.97 -13.74 13.58
C VAL G 34 -25.66 -14.45 13.26
N LEU G 35 -24.83 -13.85 12.40
CA LEU G 35 -23.51 -14.42 12.14
C LEU G 35 -22.63 -14.42 13.39
N GLU G 36 -22.71 -13.34 14.17
CA GLU G 36 -22.02 -13.33 15.46
C GLU G 36 -22.61 -14.36 16.41
N PHE G 37 -23.93 -14.58 16.33
CA PHE G 37 -24.55 -15.62 17.12
C PHE G 37 -24.10 -17.01 16.69
N MET G 38 -23.88 -17.20 15.38
CA MET G 38 -23.35 -18.47 14.90
C MET G 38 -21.89 -18.68 15.29
N ASP G 39 -21.12 -17.60 15.44
CA ASP G 39 -19.74 -17.75 15.91
C ASP G 39 -19.67 -18.02 17.40
N ALA G 40 -20.69 -17.62 18.16
CA ALA G 40 -20.70 -17.74 19.60
C ALA G 40 -21.22 -19.08 20.10
N LEU G 41 -21.56 -20.00 19.21
CA LEU G 41 -22.14 -21.26 19.67
C LEU G 41 -21.09 -22.27 20.08
N THR G 42 -19.90 -22.23 19.47
CA THR G 42 -18.83 -23.17 19.77
C THR G 42 -18.36 -23.12 21.21
N SER G 43 -18.72 -22.08 21.95
CA SER G 43 -18.25 -21.89 23.31
C SER G 43 -19.14 -22.55 24.33
N ASN G 44 -20.31 -23.04 23.91
CA ASN G 44 -21.12 -23.94 24.73
C ASN G 44 -21.42 -23.35 26.09
N ASP G 45 -21.88 -22.09 26.08
CA ASP G 45 -22.14 -21.38 27.32
C ASP G 45 -23.49 -20.68 27.18
N ALA G 46 -24.52 -21.27 27.79
CA ALA G 46 -25.88 -20.75 27.70
C ALA G 46 -26.02 -19.39 28.38
N ALA G 47 -25.12 -19.04 29.30
CA ALA G 47 -25.22 -17.76 29.98
C ALA G 47 -24.92 -16.60 29.04
N LYS G 48 -24.06 -16.79 28.05
CA LYS G 48 -23.78 -15.72 27.11
C LYS G 48 -24.64 -15.79 25.86
N LEU G 49 -25.05 -16.97 25.42
CA LEU G 49 -25.93 -17.05 24.25
C LEU G 49 -27.25 -16.36 24.50
N ILE G 50 -27.79 -16.52 25.72
CA ILE G 50 -29.08 -15.93 26.08
C ILE G 50 -29.05 -14.42 26.02
N GLU G 51 -27.86 -13.82 25.93
CA GLU G 51 -27.73 -12.38 25.75
C GLU G 51 -28.22 -11.92 24.38
N TYR G 52 -28.24 -12.83 23.40
CA TYR G 52 -28.73 -12.50 22.08
C TYR G 52 -30.25 -12.53 22.00
N PHE G 53 -30.89 -13.25 22.93
CA PHE G 53 -32.33 -13.45 22.96
C PHE G 53 -33.03 -12.39 23.79
N ALA G 54 -34.23 -12.02 23.34
CA ALA G 54 -35.11 -11.15 24.10
C ALA G 54 -35.91 -11.97 25.10
N GLU G 55 -36.64 -11.28 25.98
CA GLU G 55 -37.45 -11.99 26.97
C GLU G 55 -38.56 -12.78 26.31
N ASP G 56 -39.31 -12.15 25.40
CA ASP G 56 -40.38 -12.83 24.67
C ASP G 56 -39.77 -13.40 23.40
N THR G 57 -39.45 -14.69 23.41
CA THR G 57 -38.72 -15.33 22.34
C THR G 57 -39.19 -16.78 22.23
N MET G 58 -38.57 -17.52 21.31
CA MET G 58 -38.78 -18.95 21.18
C MET G 58 -37.61 -19.58 20.43
N TYR G 59 -37.34 -20.85 20.74
CA TYR G 59 -36.26 -21.63 20.11
C TYR G 59 -36.76 -23.04 19.85
N GLN G 60 -36.74 -23.47 18.59
CA GLN G 60 -37.31 -24.76 18.26
C GLN G 60 -36.43 -25.49 17.27
N ASN G 61 -36.14 -26.76 17.59
CA ASN G 61 -35.59 -27.72 16.65
C ASN G 61 -36.77 -28.54 16.12
N MET G 62 -37.16 -28.28 14.89
CA MET G 62 -38.40 -28.82 14.33
C MET G 62 -38.34 -30.35 14.11
N PRO G 63 -39.46 -31.06 14.38
CA PRO G 63 -40.74 -30.55 14.88
C PRO G 63 -40.99 -30.79 16.37
N LEU G 64 -39.92 -30.85 17.16
CA LEU G 64 -40.05 -31.13 18.58
C LEU G 64 -40.58 -29.89 19.32
N PRO G 65 -41.12 -30.07 20.52
CA PRO G 65 -41.87 -28.99 21.18
C PRO G 65 -41.03 -27.75 21.37
N PRO G 66 -41.61 -26.56 21.13
CA PRO G 66 -40.89 -25.29 21.24
C PRO G 66 -40.34 -25.03 22.64
N ALA G 67 -39.61 -23.93 22.76
CA ALA G 67 -39.17 -23.39 24.03
C ALA G 67 -39.42 -21.88 23.96
N TYR G 68 -40.53 -21.44 24.55
CA TYR G 68 -40.83 -20.01 24.62
C TYR G 68 -40.28 -19.42 25.93
N GLY G 69 -40.12 -18.11 25.94
CA GLY G 69 -39.56 -17.45 27.10
C GLY G 69 -38.05 -17.54 27.18
N ARG G 70 -37.42 -16.43 27.57
CA ARG G 70 -35.96 -16.35 27.56
C ARG G 70 -35.34 -17.36 28.51
N ASP G 71 -35.91 -17.51 29.72
CA ASP G 71 -35.31 -18.38 30.72
C ASP G 71 -35.37 -19.84 30.29
N ALA G 72 -36.53 -20.28 29.79
CA ALA G 72 -36.65 -21.66 29.31
C ALA G 72 -35.70 -21.92 28.13
N VAL G 73 -35.49 -20.92 27.28
CA VAL G 73 -34.50 -21.06 26.22
C VAL G 73 -33.12 -21.27 26.82
N GLU G 74 -32.74 -20.44 27.80
CA GLU G 74 -31.44 -20.58 28.45
C GLU G 74 -31.28 -21.96 29.10
N GLN G 75 -32.32 -22.40 29.82
CA GLN G 75 -32.24 -23.70 30.46
C GLN G 75 -32.14 -24.81 29.44
N THR G 76 -32.81 -24.66 28.30
CA THR G 76 -32.69 -25.61 27.20
C THR G 76 -31.27 -25.68 26.67
N LEU G 77 -30.65 -24.52 26.41
CA LEU G 77 -29.28 -24.53 25.94
C LEU G 77 -28.33 -24.97 27.05
N ALA G 78 -28.65 -24.68 28.31
CA ALA G 78 -27.93 -25.30 29.41
C ALA G 78 -28.01 -26.81 29.30
N GLY G 79 -29.24 -27.35 29.19
CA GLY G 79 -29.41 -28.77 29.01
C GLY G 79 -28.67 -29.30 27.80
N PHE G 80 -28.76 -28.59 26.67
CA PHE G 80 -27.99 -28.95 25.48
C PHE G 80 -26.51 -29.10 25.81
N PHE G 81 -25.91 -28.05 26.38
CA PHE G 81 -24.47 -28.07 26.62
C PHE G 81 -24.06 -28.98 27.75
N THR G 82 -24.98 -29.42 28.60
CA THR G 82 -24.68 -30.47 29.56
C THR G 82 -24.70 -31.86 28.93
N VAL G 83 -24.84 -31.97 27.61
CA VAL G 83 -24.83 -33.25 26.89
C VAL G 83 -23.92 -33.16 25.67
N VAL G 84 -24.18 -32.19 24.80
CA VAL G 84 -23.50 -32.09 23.51
C VAL G 84 -22.49 -30.97 23.59
N SER G 85 -21.72 -30.80 22.52
CA SER G 85 -20.76 -29.71 22.41
C SER G 85 -20.70 -29.30 20.95
N VAL G 86 -20.94 -28.02 20.67
CA VAL G 86 -20.85 -27.52 19.31
C VAL G 86 -19.38 -27.27 19.01
N ASP G 87 -18.76 -28.15 18.22
CA ASP G 87 -17.35 -28.05 17.87
C ASP G 87 -17.08 -27.19 16.65
N ALA G 88 -18.08 -26.98 15.79
CA ALA G 88 -17.93 -26.16 14.59
C ALA G 88 -19.30 -25.68 14.12
N VAL G 89 -19.31 -24.53 13.45
CA VAL G 89 -20.45 -23.98 12.75
C VAL G 89 -19.92 -23.34 11.47
N GLU G 90 -20.15 -23.99 10.32
CA GLU G 90 -19.72 -23.47 9.02
C GLU G 90 -20.95 -22.99 8.26
N THR G 91 -21.14 -21.67 8.22
CA THR G 91 -22.31 -21.06 7.58
C THR G 91 -22.00 -20.87 6.10
N PHE G 92 -22.75 -21.57 5.24
CA PHE G 92 -22.56 -21.42 3.80
C PHE G 92 -23.27 -20.16 3.30
N HIS G 93 -24.58 -20.03 3.57
CA HIS G 93 -25.36 -18.90 3.12
C HIS G 93 -25.98 -18.15 4.29
N ILE G 94 -26.06 -16.84 4.17
CA ILE G 94 -26.87 -16.05 5.08
C ILE G 94 -27.60 -15.02 4.24
N GLY G 95 -28.86 -14.78 4.59
CA GLY G 95 -29.67 -13.81 3.88
C GLY G 95 -30.83 -13.40 4.75
N SER G 96 -31.50 -12.37 4.28
CA SER G 96 -32.58 -11.75 5.02
C SER G 96 -33.69 -11.37 4.06
N SER G 97 -34.92 -11.47 4.54
CA SER G 97 -36.10 -11.10 3.78
C SER G 97 -37.27 -10.92 4.74
N ASN G 98 -37.98 -9.80 4.60
CA ASN G 98 -39.17 -9.52 5.40
C ASN G 98 -38.94 -9.76 6.89
N GLY G 99 -37.81 -9.28 7.39
CA GLY G 99 -37.52 -9.34 8.81
C GLY G 99 -37.02 -10.67 9.30
N LEU G 100 -36.84 -11.64 8.41
CA LEU G 100 -36.29 -12.94 8.75
C LEU G 100 -34.87 -13.06 8.19
N VAL G 101 -34.01 -13.73 8.95
CA VAL G 101 -32.62 -14.01 8.59
C VAL G 101 -32.49 -15.51 8.41
N TYR G 102 -31.91 -15.93 7.29
CA TYR G 102 -31.74 -17.35 7.00
C TYR G 102 -30.26 -17.69 6.97
N THR G 103 -29.92 -18.81 7.62
CA THR G 103 -28.57 -19.32 7.57
C THR G 103 -28.65 -20.76 7.08
N GLU G 104 -27.91 -21.05 6.02
CA GLU G 104 -27.75 -22.41 5.51
C GLU G 104 -26.36 -22.88 5.89
N ARG G 105 -26.26 -23.82 6.83
CA ARG G 105 -25.02 -24.13 7.51
C ARG G 105 -24.92 -25.62 7.83
N VAL G 106 -23.82 -26.00 8.48
CA VAL G 106 -23.66 -27.33 9.06
C VAL G 106 -23.08 -27.18 10.47
N ASP G 107 -23.63 -27.96 11.40
CA ASP G 107 -23.19 -27.97 12.78
C ASP G 107 -22.66 -29.36 13.13
N VAL G 108 -21.43 -29.41 13.60
CA VAL G 108 -20.86 -30.65 14.09
C VAL G 108 -21.11 -30.73 15.60
N LEU G 109 -21.63 -31.87 16.05
CA LEU G 109 -21.94 -32.07 17.46
C LEU G 109 -21.18 -33.28 17.99
N ARG G 110 -20.95 -33.27 19.30
CA ARG G 110 -20.19 -34.30 19.99
C ARG G 110 -20.69 -34.35 21.43
N ALA G 111 -21.08 -35.53 21.88
CA ALA G 111 -21.58 -35.69 23.23
C ALA G 111 -20.45 -35.90 24.23
N LEU G 112 -20.75 -35.65 25.50
CA LEU G 112 -19.79 -35.88 26.56
C LEU G 112 -19.66 -37.35 26.96
N PRO G 113 -20.73 -38.12 27.18
CA PRO G 113 -20.51 -39.45 27.77
C PRO G 113 -19.80 -40.40 26.81
N THR G 114 -19.81 -40.13 25.52
CA THR G 114 -19.29 -41.05 24.52
C THR G 114 -18.30 -40.40 23.57
N GLY G 115 -18.55 -39.16 23.15
CA GLY G 115 -17.77 -38.51 22.13
C GLY G 115 -18.51 -38.56 20.80
N LYS G 116 -17.80 -38.98 19.76
CA LYS G 116 -18.33 -39.26 18.43
C LYS G 116 -18.76 -38.00 17.68
N SER G 117 -18.55 -38.01 16.36
CA SER G 117 -18.90 -36.90 15.49
C SER G 117 -20.31 -37.06 14.93
N TYR G 118 -20.98 -35.92 14.74
CA TYR G 118 -22.29 -35.86 14.10
C TYR G 118 -22.35 -34.57 13.31
N ASN G 119 -22.44 -34.69 11.99
CA ASN G 119 -22.64 -33.55 11.11
C ASN G 119 -24.13 -33.39 10.81
N PHE G 120 -24.61 -32.15 10.95
CA PHE G 120 -26.01 -31.82 10.72
C PHE G 120 -26.08 -30.71 9.70
N SER G 121 -26.60 -31.03 8.52
CA SER G 121 -26.95 -29.98 7.56
C SER G 121 -28.19 -29.26 8.06
N ILE G 122 -28.03 -27.97 8.38
CA ILE G 122 -29.06 -27.19 9.04
C ILE G 122 -29.42 -25.99 8.17
N LEU G 123 -30.71 -25.77 7.99
CA LEU G 123 -31.22 -24.50 7.48
C LEU G 123 -32.05 -23.90 8.61
N GLY G 124 -31.59 -22.78 9.16
CA GLY G 124 -32.24 -22.11 10.26
C GLY G 124 -32.80 -20.74 9.90
N VAL G 125 -33.94 -20.40 10.49
CA VAL G 125 -34.59 -19.10 10.32
C VAL G 125 -34.59 -18.36 11.67
N PHE G 126 -34.35 -17.05 11.62
CA PHE G 126 -34.28 -16.20 12.81
C PHE G 126 -35.15 -14.98 12.63
N GLN G 127 -35.80 -14.56 13.70
CA GLN G 127 -36.56 -13.31 13.73
C GLN G 127 -36.01 -12.43 14.84
N LEU G 128 -35.66 -11.20 14.49
CA LEU G 128 -35.02 -10.29 15.44
C LEU G 128 -35.86 -9.05 15.61
N THR G 129 -35.90 -8.59 16.85
CA THR G 129 -36.51 -7.32 17.24
C THR G 129 -35.44 -6.53 17.97
N GLU G 130 -35.05 -5.40 17.40
CA GLU G 130 -34.06 -4.50 18.02
C GLU G 130 -32.76 -5.23 18.33
N GLY G 131 -32.32 -6.05 17.38
CA GLY G 131 -31.10 -6.80 17.54
C GLY G 131 -31.17 -7.96 18.50
N LYS G 132 -32.35 -8.26 19.05
CA LYS G 132 -32.55 -9.36 19.97
C LYS G 132 -33.38 -10.44 19.30
N ILE G 133 -33.02 -11.70 19.55
CA ILE G 133 -33.66 -12.80 18.85
C ILE G 133 -35.07 -13.01 19.41
N THR G 134 -36.07 -12.91 18.53
CA THR G 134 -37.48 -13.15 18.85
C THR G 134 -37.91 -14.59 18.57
N GLY G 135 -37.19 -15.27 17.67
CA GLY G 135 -37.61 -16.57 17.24
C GLY G 135 -36.48 -17.27 16.53
N TRP G 136 -36.22 -18.51 16.90
CA TRP G 136 -35.15 -19.29 16.29
C TRP G 136 -35.67 -20.68 16.02
N ARG G 137 -35.64 -21.08 14.76
CA ARG G 137 -36.16 -22.37 14.32
C ARG G 137 -35.14 -23.01 13.39
N ASP G 138 -34.64 -24.17 13.79
CA ASP G 138 -33.67 -24.94 13.02
C ASP G 138 -34.39 -26.11 12.34
N TYR G 139 -34.13 -26.30 11.05
CA TYR G 139 -34.69 -27.41 10.27
C TYR G 139 -33.56 -28.33 9.81
N PHE G 140 -33.62 -29.59 10.23
CA PHE G 140 -32.54 -30.52 9.94
C PHE G 140 -33.00 -31.93 10.29
N ASP G 141 -32.20 -32.93 9.93
CA ASP G 141 -32.56 -34.32 10.12
C ASP G 141 -32.28 -34.77 11.56
N LEU G 142 -33.31 -35.27 12.24
CA LEU G 142 -33.24 -35.63 13.65
C LEU G 142 -32.93 -37.10 13.89
N ARG G 143 -32.66 -37.89 12.84
CA ARG G 143 -32.31 -39.29 13.04
C ARG G 143 -31.11 -39.43 13.95
N GLU G 144 -29.96 -38.88 13.55
CA GLU G 144 -28.75 -38.97 14.34
C GLU G 144 -28.72 -38.05 15.55
N PHE G 145 -29.69 -37.14 15.69
CA PHE G 145 -29.57 -36.05 16.66
C PHE G 145 -30.02 -36.46 18.06
N GLU G 146 -31.09 -37.26 18.14
CA GLU G 146 -31.55 -37.70 19.47
C GLU G 146 -30.50 -38.58 20.13
N GLU G 147 -29.83 -39.43 19.35
CA GLU G 147 -28.66 -40.16 19.84
C GLU G 147 -27.53 -39.22 20.21
N ALA G 148 -27.30 -38.19 19.40
CA ALA G 148 -26.24 -37.22 19.65
C ALA G 148 -26.52 -36.39 20.89
N ILE H 11 -53.92 -28.34 8.10
CA ILE H 11 -52.83 -27.78 8.88
C ILE H 11 -53.21 -26.39 9.41
N GLU H 12 -53.00 -26.17 10.70
CA GLU H 12 -53.28 -24.91 11.35
C GLU H 12 -51.99 -24.12 11.54
N GLN H 13 -52.07 -22.80 11.31
CA GLN H 13 -50.87 -21.97 11.33
C GLN H 13 -50.39 -21.76 12.76
N PRO H 14 -49.08 -21.78 12.98
CA PRO H 14 -48.52 -21.54 14.32
C PRO H 14 -48.49 -20.06 14.66
N ARG H 15 -48.17 -19.77 15.92
CA ARG H 15 -48.15 -18.38 16.37
C ARG H 15 -47.08 -17.59 15.63
N TRP H 16 -45.89 -18.15 15.49
CA TRP H 16 -44.76 -17.46 14.88
C TRP H 16 -44.93 -17.16 13.40
N ALA H 17 -46.11 -17.42 12.85
CA ALA H 17 -46.39 -17.11 11.45
C ALA H 17 -46.47 -15.59 11.30
N SER H 18 -45.46 -14.99 10.68
CA SER H 18 -45.44 -13.55 10.43
C SER H 18 -46.25 -13.25 9.17
N LYS H 19 -47.20 -12.31 9.27
CA LYS H 19 -47.88 -11.88 8.05
C LYS H 19 -46.92 -11.18 7.09
N ASP H 20 -45.84 -10.59 7.62
CA ASP H 20 -44.86 -9.87 6.81
C ASP H 20 -44.19 -10.76 5.75
N SER H 21 -44.14 -12.08 5.96
CA SER H 21 -43.47 -12.97 5.01
C SER H 21 -44.41 -14.02 4.45
N ALA H 22 -45.73 -13.78 4.54
CA ALA H 22 -46.75 -14.73 4.13
C ALA H 22 -46.65 -15.06 2.64
N ALA H 23 -47.20 -16.22 2.29
CA ALA H 23 -47.20 -16.67 0.90
C ALA H 23 -47.91 -15.68 -0.01
N GLY H 24 -49.08 -15.19 0.41
CA GLY H 24 -49.83 -14.24 -0.40
C GLY H 24 -49.11 -12.92 -0.61
N ALA H 25 -48.14 -12.61 0.24
CA ALA H 25 -47.34 -11.41 0.10
C ALA H 25 -46.11 -11.61 -0.79
N ALA H 26 -46.02 -12.72 -1.52
CA ALA H 26 -44.90 -12.93 -2.42
C ALA H 26 -44.81 -11.77 -3.40
N SER H 27 -43.61 -11.17 -3.53
CA SER H 27 -43.54 -9.90 -4.24
C SER H 27 -42.30 -9.71 -5.10
N THR H 28 -41.68 -10.78 -5.55
CA THR H 28 -40.70 -10.77 -6.62
C THR H 28 -41.04 -11.91 -7.57
N PRO H 29 -40.55 -11.89 -8.81
CA PRO H 29 -40.90 -12.97 -9.75
C PRO H 29 -40.45 -14.35 -9.31
N ASP H 30 -39.30 -14.46 -8.66
CA ASP H 30 -38.86 -15.76 -8.17
C ASP H 30 -39.71 -16.24 -7.01
N GLU H 31 -40.20 -15.31 -6.16
CA GLU H 31 -41.14 -15.70 -5.12
C GLU H 31 -42.40 -16.28 -5.73
N LYS H 32 -42.94 -15.62 -6.75
CA LYS H 32 -44.20 -16.07 -7.34
C LYS H 32 -44.03 -17.40 -8.08
N ILE H 33 -42.87 -17.59 -8.72
CA ILE H 33 -42.65 -18.84 -9.46
C ILE H 33 -42.45 -20.02 -8.51
N VAL H 34 -41.65 -19.86 -7.45
CA VAL H 34 -41.51 -20.99 -6.53
C VAL H 34 -42.83 -21.24 -5.80
N LEU H 35 -43.60 -20.19 -5.53
CA LEU H 35 -44.91 -20.40 -4.92
C LEU H 35 -45.83 -21.17 -5.84
N GLU H 36 -45.85 -20.84 -7.14
CA GLU H 36 -46.57 -21.64 -8.12
C GLU H 36 -46.08 -23.09 -8.13
N PHE H 37 -44.80 -23.31 -7.86
CA PHE H 37 -44.25 -24.66 -7.76
C PHE H 37 -44.83 -25.42 -6.56
N MET H 38 -44.94 -24.77 -5.41
CA MET H 38 -45.54 -25.40 -4.24
C MET H 38 -46.97 -25.82 -4.54
N ASP H 39 -47.77 -24.91 -5.07
CA ASP H 39 -49.14 -25.25 -5.44
C ASP H 39 -49.18 -26.36 -6.49
N ALA H 40 -48.12 -26.50 -7.29
CA ALA H 40 -48.04 -27.57 -8.28
C ALA H 40 -47.64 -28.92 -7.66
N LEU H 41 -47.14 -28.92 -6.41
CA LEU H 41 -46.66 -30.17 -5.83
C LEU H 41 -47.78 -31.17 -5.57
N THR H 42 -49.01 -30.69 -5.33
CA THR H 42 -50.08 -31.62 -5.00
C THR H 42 -50.57 -32.39 -6.22
N SER H 43 -50.15 -31.99 -7.43
CA SER H 43 -50.57 -32.68 -8.65
C SER H 43 -49.98 -34.08 -8.75
N ASN H 44 -48.86 -34.33 -8.08
CA ASN H 44 -48.23 -35.65 -8.09
C ASN H 44 -47.82 -36.06 -9.50
N ASP H 45 -47.46 -35.07 -10.33
CA ASP H 45 -47.26 -35.24 -11.77
C ASP H 45 -45.82 -34.86 -12.12
N ALA H 46 -44.92 -35.84 -12.13
CA ALA H 46 -43.50 -35.53 -12.32
C ALA H 46 -43.25 -34.83 -13.65
N ALA H 47 -44.09 -35.07 -14.67
CA ALA H 47 -43.93 -34.40 -15.95
C ALA H 47 -44.40 -32.95 -15.89
N LYS H 48 -45.36 -32.65 -15.01
CA LYS H 48 -45.72 -31.25 -14.78
C LYS H 48 -44.65 -30.53 -13.98
N LEU H 49 -44.11 -31.17 -12.94
CA LEU H 49 -43.18 -30.51 -12.02
C LEU H 49 -41.84 -30.24 -12.69
N ILE H 50 -41.42 -31.09 -13.62
CA ILE H 50 -40.09 -30.98 -14.20
C ILE H 50 -39.97 -29.75 -15.07
N GLU H 51 -41.09 -29.20 -15.53
CA GLU H 51 -41.05 -28.00 -16.36
C GLU H 51 -40.49 -26.78 -15.63
N TYR H 52 -40.39 -26.81 -14.30
CA TYR H 52 -39.87 -25.69 -13.52
C TYR H 52 -38.36 -25.73 -13.35
N PHE H 53 -37.72 -26.84 -13.69
CA PHE H 53 -36.29 -27.03 -13.49
C PHE H 53 -35.56 -26.74 -14.78
N ALA H 54 -34.33 -26.29 -14.66
CA ALA H 54 -33.51 -26.11 -15.84
C ALA H 54 -32.83 -27.43 -16.19
N GLU H 55 -32.14 -27.42 -17.34
CA GLU H 55 -31.34 -28.57 -17.73
C GLU H 55 -30.26 -28.86 -16.69
N ASP H 56 -29.56 -27.83 -16.24
CA ASP H 56 -28.54 -27.95 -15.20
C ASP H 56 -29.22 -27.58 -13.87
N THR H 57 -29.67 -28.61 -13.14
CA THR H 57 -30.43 -28.40 -11.92
C THR H 57 -30.02 -29.46 -10.91
N MET H 58 -30.55 -29.33 -9.69
CA MET H 58 -30.24 -30.23 -8.60
C MET H 58 -31.40 -30.17 -7.60
N TYR H 59 -31.72 -31.32 -7.00
CA TYR H 59 -32.73 -31.38 -5.97
C TYR H 59 -32.31 -32.40 -4.93
N GLN H 60 -32.43 -32.02 -3.64
CA GLN H 60 -31.93 -32.85 -2.56
C GLN H 60 -32.81 -32.66 -1.33
N ASN H 61 -33.07 -33.78 -0.65
CA ASN H 61 -33.69 -33.76 0.68
C ASN H 61 -32.58 -34.05 1.68
N MET H 62 -32.09 -33.00 2.32
CA MET H 62 -31.00 -33.05 3.30
C MET H 62 -31.20 -34.07 4.43
N PRO H 63 -30.21 -34.95 4.67
CA PRO H 63 -28.94 -35.08 3.94
C PRO H 63 -28.88 -36.15 2.86
N LEU H 64 -30.02 -36.64 2.34
CA LEU H 64 -30.04 -37.78 1.42
C LEU H 64 -29.21 -37.51 0.16
N PRO H 65 -28.86 -38.55 -0.59
CA PRO H 65 -28.05 -38.36 -1.82
C PRO H 65 -28.80 -37.58 -2.88
N PRO H 66 -28.16 -36.57 -3.46
CA PRO H 66 -28.86 -35.65 -4.37
C PRO H 66 -29.07 -36.26 -5.75
N ALA H 67 -30.04 -35.69 -6.45
CA ALA H 67 -30.28 -35.97 -7.86
C ALA H 67 -29.76 -34.80 -8.67
N TYR H 68 -28.72 -35.04 -9.47
CA TYR H 68 -28.10 -34.00 -10.28
C TYR H 68 -28.57 -34.13 -11.71
N GLY H 69 -29.15 -33.06 -12.24
CA GLY H 69 -29.55 -33.02 -13.63
C GLY H 69 -31.06 -33.17 -13.78
N ARG H 70 -31.57 -32.68 -14.91
CA ARG H 70 -33.02 -32.58 -15.10
C ARG H 70 -33.70 -33.95 -15.03
N ASP H 71 -33.11 -34.97 -15.65
CA ASP H 71 -33.79 -36.25 -15.78
C ASP H 71 -33.81 -37.02 -14.46
N ALA H 72 -32.68 -37.04 -13.76
CA ALA H 72 -32.65 -37.70 -12.46
C ALA H 72 -33.69 -37.09 -11.52
N VAL H 73 -33.87 -35.77 -11.58
CA VAL H 73 -34.92 -35.10 -10.82
C VAL H 73 -36.30 -35.54 -11.28
N GLU H 74 -36.50 -35.66 -12.60
CA GLU H 74 -37.80 -36.11 -13.07
C GLU H 74 -38.06 -37.57 -12.72
N GLN H 75 -37.04 -38.41 -12.85
CA GLN H 75 -37.21 -39.81 -12.48
C GLN H 75 -37.39 -39.94 -10.97
N THR H 76 -36.57 -39.24 -10.17
CA THR H 76 -36.74 -39.25 -8.72
C THR H 76 -38.16 -38.84 -8.32
N LEU H 77 -38.66 -37.76 -8.91
CA LEU H 77 -40.01 -37.32 -8.59
C LEU H 77 -41.05 -38.35 -9.04
N ALA H 78 -40.80 -39.05 -10.14
CA ALA H 78 -41.71 -40.11 -10.55
C ALA H 78 -41.61 -41.31 -9.61
N GLY H 79 -40.40 -41.64 -9.16
CA GLY H 79 -40.27 -42.69 -8.16
C GLY H 79 -40.96 -42.34 -6.86
N PHE H 80 -40.89 -41.08 -6.44
CA PHE H 80 -41.58 -40.68 -5.23
C PHE H 80 -43.10 -40.80 -5.40
N PHE H 81 -43.63 -40.34 -6.53
CA PHE H 81 -45.07 -40.39 -6.75
C PHE H 81 -45.57 -41.80 -7.03
N THR H 82 -44.69 -42.77 -7.24
CA THR H 82 -45.12 -44.16 -7.35
C THR H 82 -45.73 -44.67 -6.04
N VAL H 83 -45.17 -44.26 -4.91
CA VAL H 83 -45.57 -44.77 -3.60
C VAL H 83 -46.03 -43.68 -2.64
N VAL H 84 -45.97 -42.41 -3.04
CA VAL H 84 -46.25 -41.30 -2.14
C VAL H 84 -47.11 -40.28 -2.86
N SER H 85 -48.18 -39.82 -2.22
CA SER H 85 -48.98 -38.70 -2.68
C SER H 85 -48.79 -37.49 -1.78
N VAL H 86 -48.71 -36.31 -2.39
CA VAL H 86 -48.62 -35.05 -1.67
C VAL H 86 -50.03 -34.47 -1.59
N ASP H 87 -50.65 -34.55 -0.40
CA ASP H 87 -52.05 -34.11 -0.23
C ASP H 87 -52.16 -32.60 -0.06
N ALA H 88 -51.16 -31.96 0.53
CA ALA H 88 -51.29 -30.56 0.89
C ALA H 88 -49.92 -29.94 1.12
N VAL H 89 -49.76 -28.71 0.61
CA VAL H 89 -48.59 -27.88 0.87
C VAL H 89 -49.09 -26.55 1.41
N GLU H 90 -48.87 -26.32 2.69
CA GLU H 90 -49.20 -25.06 3.34
C GLU H 90 -47.89 -24.28 3.50
N THR H 91 -47.74 -23.20 2.73
CA THR H 91 -46.55 -22.36 2.80
C THR H 91 -46.80 -21.23 3.79
N PHE H 92 -46.11 -21.27 4.92
CA PHE H 92 -46.28 -20.25 5.95
C PHE H 92 -45.53 -18.98 5.58
N HIS H 93 -44.28 -19.12 5.19
CA HIS H 93 -43.41 -18.02 4.85
C HIS H 93 -42.82 -18.24 3.47
N ILE H 94 -42.69 -17.17 2.71
CA ILE H 94 -41.83 -17.17 1.53
C ILE H 94 -41.03 -15.87 1.55
N GLY H 95 -39.79 -15.94 1.07
CA GLY H 95 -38.90 -14.79 1.06
C GLY H 95 -37.70 -15.10 0.19
N SER H 96 -36.86 -14.08 -0.01
CA SER H 96 -35.78 -14.21 -0.98
C SER H 96 -34.66 -13.21 -0.68
N SER H 97 -33.42 -13.61 -1.01
CA SER H 97 -32.21 -12.84 -0.71
C SER H 97 -30.99 -13.35 -1.48
N ASN H 98 -30.30 -12.44 -2.16
CA ASN H 98 -29.05 -12.74 -2.90
C ASN H 98 -29.24 -13.83 -3.94
N GLY H 99 -30.40 -13.88 -4.60
CA GLY H 99 -30.70 -14.89 -5.61
C GLY H 99 -31.30 -16.19 -5.11
N LEU H 100 -31.64 -16.32 -3.83
CA LEU H 100 -32.19 -17.56 -3.28
C LEU H 100 -33.57 -17.28 -2.70
N VAL H 101 -34.49 -18.23 -2.88
CA VAL H 101 -35.84 -18.13 -2.36
C VAL H 101 -36.01 -19.15 -1.23
N TYR H 102 -36.73 -18.75 -0.18
CA TYR H 102 -36.89 -19.56 1.02
C TYR H 102 -38.37 -19.77 1.29
N THR H 103 -38.75 -21.02 1.54
CA THR H 103 -40.13 -21.34 1.87
C THR H 103 -40.14 -22.06 3.20
N GLU H 104 -40.93 -21.53 4.13
CA GLU H 104 -41.19 -22.19 5.40
C GLU H 104 -42.61 -22.74 5.34
N ARG H 105 -42.73 -24.07 5.33
CA ARG H 105 -44.00 -24.71 5.00
C ARG H 105 -44.17 -26.01 5.77
N VAL H 106 -45.35 -26.63 5.59
CA VAL H 106 -45.64 -27.97 6.08
C VAL H 106 -46.20 -28.76 4.91
N ASP H 107 -45.57 -29.90 4.61
CA ASP H 107 -46.01 -30.82 3.56
C ASP H 107 -46.69 -32.04 4.18
N VAL H 108 -47.92 -32.32 3.77
CA VAL H 108 -48.65 -33.50 4.22
C VAL H 108 -48.46 -34.58 3.17
N LEU H 109 -47.69 -35.60 3.51
CA LEU H 109 -47.40 -36.73 2.62
C LEU H 109 -48.14 -37.98 3.08
N ARG H 110 -48.87 -38.61 2.17
CA ARG H 110 -49.58 -39.84 2.47
C ARG H 110 -48.96 -40.99 1.70
N ALA H 111 -48.58 -42.05 2.41
CA ALA H 111 -47.99 -43.22 1.77
C ALA H 111 -49.11 -44.05 1.15
N LEU H 112 -49.02 -44.27 -0.17
CA LEU H 112 -50.09 -44.98 -0.87
C LEU H 112 -50.31 -46.39 -0.35
N PRO H 113 -49.29 -47.29 -0.28
CA PRO H 113 -49.55 -48.67 0.19
C PRO H 113 -50.26 -48.77 1.53
N THR H 114 -50.14 -47.75 2.39
CA THR H 114 -50.66 -47.83 3.76
C THR H 114 -51.85 -46.92 4.03
N GLY H 115 -51.98 -45.80 3.33
CA GLY H 115 -52.97 -44.79 3.67
C GLY H 115 -52.53 -43.78 4.72
N LYS H 116 -51.37 -43.98 5.35
CA LYS H 116 -50.94 -43.16 6.48
C LYS H 116 -50.45 -41.78 6.03
N SER H 117 -50.93 -40.74 6.70
CA SER H 117 -50.50 -39.37 6.47
C SER H 117 -49.33 -38.96 7.37
N TYR H 118 -48.56 -38.00 6.89
CA TYR H 118 -47.41 -37.48 7.61
C TYR H 118 -47.36 -35.97 7.44
N ASN H 119 -47.08 -35.27 8.53
CA ASN H 119 -46.84 -33.83 8.52
C ASN H 119 -45.34 -33.60 8.61
N PHE H 120 -44.75 -33.03 7.55
CA PHE H 120 -43.34 -32.66 7.56
C PHE H 120 -43.21 -31.14 7.63
N SER H 121 -42.67 -30.64 8.72
CA SER H 121 -42.26 -29.24 8.81
C SER H 121 -40.95 -29.09 8.06
N ILE H 122 -40.96 -28.27 7.02
CA ILE H 122 -39.89 -28.21 6.04
C ILE H 122 -39.54 -26.75 5.77
N LEU H 123 -38.24 -26.46 5.71
CA LEU H 123 -37.76 -25.16 5.28
C LEU H 123 -36.89 -25.39 4.04
N GLY H 124 -37.31 -24.84 2.90
CA GLY H 124 -36.65 -25.09 1.64
C GLY H 124 -36.00 -23.84 1.05
N VAL H 125 -34.93 -24.05 0.30
CA VAL H 125 -34.19 -22.99 -0.36
C VAL H 125 -34.11 -23.31 -1.85
N PHE H 126 -34.41 -22.31 -2.68
CA PHE H 126 -34.46 -22.48 -4.12
C PHE H 126 -33.47 -21.54 -4.79
N GLN H 127 -32.87 -21.99 -5.89
CA GLN H 127 -32.02 -21.13 -6.71
C GLN H 127 -32.60 -21.13 -8.11
N LEU H 128 -32.93 -19.95 -8.61
CA LEU H 128 -33.51 -19.77 -9.93
C LEU H 128 -32.52 -19.04 -10.83
N THR H 129 -32.43 -19.48 -12.07
CA THR H 129 -31.66 -18.80 -13.11
C THR H 129 -32.58 -18.66 -14.32
N GLU H 130 -32.95 -17.42 -14.63
CA GLU H 130 -33.91 -17.14 -15.70
C GLU H 130 -35.24 -17.85 -15.46
N GLY H 131 -35.71 -17.78 -14.22
CA GLY H 131 -37.02 -18.32 -13.85
C GLY H 131 -37.11 -19.84 -13.77
N LYS H 132 -35.98 -20.56 -13.83
CA LYS H 132 -35.96 -22.01 -13.76
C LYS H 132 -35.14 -22.46 -12.55
N ILE H 133 -35.62 -23.51 -11.88
CA ILE H 133 -34.95 -24.00 -10.68
C ILE H 133 -33.62 -24.65 -11.07
N THR H 134 -32.53 -24.16 -10.49
CA THR H 134 -31.24 -24.81 -10.63
C THR H 134 -30.81 -25.50 -9.34
N GLY H 135 -31.52 -25.27 -8.25
CA GLY H 135 -31.25 -25.94 -7.00
C GLY H 135 -32.47 -25.94 -6.11
N TRP H 136 -32.81 -27.12 -5.59
CA TRP H 136 -33.87 -27.26 -4.60
C TRP H 136 -33.29 -28.05 -3.44
N ARG H 137 -33.32 -27.46 -2.25
CA ARG H 137 -32.81 -28.13 -1.06
C ARG H 137 -33.82 -27.98 0.06
N ASP H 138 -34.39 -29.11 0.48
CA ASP H 138 -35.46 -29.17 1.46
C ASP H 138 -34.90 -29.73 2.76
N TYR H 139 -34.89 -28.91 3.81
CA TYR H 139 -34.39 -29.33 5.11
C TYR H 139 -35.57 -29.70 6.00
N PHE H 140 -35.57 -30.93 6.52
CA PHE H 140 -36.59 -31.38 7.45
C PHE H 140 -36.14 -32.68 8.12
N ASP H 141 -36.86 -33.02 9.19
CA ASP H 141 -36.62 -34.27 9.89
C ASP H 141 -37.00 -35.45 9.00
N LEU H 142 -36.05 -36.37 8.79
CA LEU H 142 -36.24 -37.55 7.96
C LEU H 142 -36.60 -38.81 8.75
N ARG H 143 -36.99 -38.66 10.03
CA ARG H 143 -37.30 -39.84 10.84
C ARG H 143 -38.49 -40.59 10.27
N GLU H 144 -39.58 -39.89 9.96
CA GLU H 144 -40.74 -40.51 9.36
C GLU H 144 -40.64 -40.59 7.84
N PHE H 145 -39.55 -40.07 7.24
CA PHE H 145 -39.48 -40.03 5.78
C PHE H 145 -39.21 -41.41 5.21
N GLU H 146 -38.31 -42.17 5.84
CA GLU H 146 -37.97 -43.50 5.33
C GLU H 146 -39.18 -44.42 5.38
N GLU H 147 -39.99 -44.31 6.43
CA GLU H 147 -41.23 -45.09 6.49
C GLU H 147 -42.26 -44.56 5.51
N ALA H 148 -42.37 -43.24 5.39
CA ALA H 148 -43.37 -42.64 4.52
C ALA H 148 -43.11 -42.96 3.05
N VAL H 149 -41.84 -42.94 2.65
CA VAL H 149 -41.43 -43.22 1.27
C VAL H 149 -40.82 -44.62 1.27
N ASP H 150 -41.61 -45.61 0.85
CA ASP H 150 -41.14 -46.99 0.86
C ASP H 150 -40.19 -47.21 -0.32
N LEU H 151 -39.01 -46.62 -0.20
CA LEU H 151 -37.95 -46.71 -1.21
C LEU H 151 -36.60 -46.76 -0.50
N PRO H 152 -35.63 -47.52 -1.04
CA PRO H 152 -34.29 -47.63 -0.48
C PRO H 152 -33.55 -46.29 -0.46
C01 3ZS I . 10.07 23.13 17.65
C01 3ZS I . 11.40 25.02 19.39
C02 3ZS I . 10.72 24.28 18.44
C02 3ZS I . 10.70 24.06 20.35
C03 3ZS I . 11.26 25.24 17.35
C03 3ZS I . 9.53 23.49 19.55
C04 3ZS I . 10.34 25.03 16.13
C04 3ZS I . 9.98 23.53 18.07
C05 3ZS I . 9.58 23.74 16.32
C05 3ZS I . 11.12 24.48 17.98
O06 3ZS I . 10.65 23.86 15.41
O06 3ZS I . 9.83 24.83 17.57
C01 3ZS J . 20.20 16.83 -5.35
C02 3ZS J . 20.33 15.63 -6.30
C03 3ZS J . 21.75 15.09 -6.12
C04 3ZS J . 22.23 15.61 -4.75
C05 3ZS J . 21.32 16.69 -4.30
O06 3ZS J . 22.53 16.97 -4.90
C01 3ZS K . -3.07 27.58 -19.68
C02 3ZS K . -4.06 26.48 -19.30
C03 3ZS K . -3.97 25.42 -20.40
C04 3ZS K . -2.58 25.59 -21.01
C05 3ZS K . -2.03 26.91 -20.58
O06 3ZS K . -2.60 26.72 -21.86
C01 3ZS L . 1.86 18.33 -46.54
C02 3ZS L . 2.88 17.49 -45.75
C03 3ZS L . 2.25 17.21 -44.37
C04 3ZS L . 0.75 17.52 -44.49
C05 3ZS L . 0.51 18.19 -45.80
O06 3ZS L . 0.52 18.90 -44.59
C01 3ZS M . -41.44 -33.41 -3.11
C02 3ZS M . -41.69 -34.91 -2.84
C03 3ZS M . -42.09 -35.01 -1.35
C04 3ZS M . -42.55 -33.60 -0.93
C05 3ZS M . -42.17 -32.64 -2.00
O06 3ZS M . -41.45 -32.74 -0.80
#